data_7OZV
#
_entry.id   7OZV
#
loop_
_entity.id
_entity.type
_entity.pdbx_description
1 polymer 'Replicase polyprotein 1ab'
2 polymer 'Non-structural protein 8'
3 polymer 'Non-structural protein 7'
4 polymer 'Product RNA'
5 polymer 'Template RNA'
6 non-polymer 'ZINC ION'
#
loop_
_entity_poly.entity_id
_entity_poly.type
_entity_poly.pdbx_seq_one_letter_code
_entity_poly.pdbx_strand_id
1 'polypeptide(L)'
;SADAQSFLNRVCGVSAARLTPCGTGTSTDVVYRAFDIYNDKVAGFAKFLKTNCCRFQEKDEDDNLIDSYFVVKRHTFSNY
QHEETIYNLLKDCPAVAKHDFFKFRIDGDMVPHISRQRLTKYTMADLVYALRHFDEGNCDTLKEILVTYNCCDDDYFNKK
DWYDFVENPDILRVYANLGERVRQALLKTVQFCDAMRNAGIVGVLTLDNQDLNGNWYDFGDFIQTTPGSGVPVVDSYYSL
LMPILTLTRALTAESHVDTDLTKPYIKWDLLKYDFTEERLKLFDRYFKYWDQTYHPNCVNCLDDRCILHCANFNVLFSTV
FPPTSFGPLVRKIFVDGVPFVVSTGYHFRELGVVHNQDVNLHSSRLSFKELLVYAADPAMHAASGNLLLDKRTTCFSVAA
LTNNVAFQTVKPGNFNKDFYDFAVSKGFFKEGSSVELKHFFFAQDGNAAISDYDYYRYNLPTMCDIRQLLFVVEVVDKYF
DCYDGGCINANQVIVNNLDKSAGFPFNKWGKARLYYDSMSYEDQDALFAYTKRNVIPTITQMNLKYAISAKNRARTVAGV
SICSTMTNRQFHQKLLKSIAATRGATVVIGTSKFYGGWHNMLKTVYSDVENPHLMGWDYPKCDRAMPNMLRIMASLVLAR
KHTTCCSLSHRFYRLANECAQVLSEMVMCGGSLYVKPGGTSSGDATTAYANSVFNICQAVTANVNALLSTDGNKIADKYV
RNLQHRLYECLYRNRDVDTDFVNEFYAYLRKHFSMMILSDDAVVCFNSTYASQGLVASIKNFKSVLYYQNNVFMSEAKCW
TETDLTKGPHEFCSQHTMLVKQGDDYVYLPYPDPSRILGAGCFVDDIVKTDGTLMIERFVSLAIDAYPLTKHPNQEYADV
FHLYLQYIRKLHDELTGHMLDMYSVMLTNDNTSRYWEPEFYEAMYTPHTVLQ
;
A
2 'polypeptide(L)'
;MGSSHHHHHHENLYFQSNAAIASEFSSLPSYAAFATAQEAYEQAVANGDSEVVLKKLKKSLNVAKSEFDRDAAMQRKLEK
MADQAMTQMYKQARSEDKRAKVTSAMQTMLFTMLRKLDNDALNNIINNARDGCVPLNIIPLTTAAKLMVVIPDYNTYKNT
CDGTTFTYASALWEIQQVVDADSKIVQLSEISMDNSPNLAWPLIVTALRANSAVKLQ
;
B
3 'polypeptide(L)'
;SNASKMSDVKCTSVVLLSVLQQLRVESSSKLWAQCVQLHNDILLAKDTTEAFEKMVSLLSVLLSMQGAVDINKLCEEMLD
NRAT
;
C
4 'polyribonucleotide' UUGGUCUCAAUACGGUAUGAGCCUACGCAGUG P
5 'polyribonucleotide' GG(16B)ACUGCGUAGCUCAUACCGUAUUGAGACCUU T
#
# COMPACT_ATOMS: atom_id res chain seq x y z
N VAL A 31 -35.43 -20.80 -2.46
CA VAL A 31 -34.74 -19.61 -1.96
C VAL A 31 -33.47 -19.36 -2.77
N TYR A 32 -32.94 -18.15 -2.67
CA TYR A 32 -31.75 -17.77 -3.43
C TYR A 32 -30.54 -18.55 -2.91
N ARG A 33 -29.88 -19.27 -3.81
CA ARG A 33 -28.65 -19.98 -3.49
C ARG A 33 -27.59 -19.64 -4.52
N ALA A 34 -26.34 -19.54 -4.08
CA ALA A 34 -25.25 -19.29 -5.00
C ALA A 34 -24.92 -20.57 -5.77
N PHE A 35 -24.91 -20.46 -7.10
CA PHE A 35 -24.63 -21.59 -7.97
C PHE A 35 -23.57 -21.16 -8.98
N ASP A 36 -22.68 -22.10 -9.30
CA ASP A 36 -21.71 -21.93 -10.37
C ASP A 36 -22.11 -22.85 -11.52
N ILE A 37 -22.51 -22.25 -12.64
CA ILE A 37 -23.10 -22.99 -13.75
C ILE A 37 -22.29 -22.71 -15.01
N TYR A 38 -22.11 -23.76 -15.82
CA TYR A 38 -21.53 -23.61 -17.15
C TYR A 38 -22.29 -24.56 -18.07
N ASN A 39 -23.27 -24.03 -18.80
CA ASN A 39 -24.06 -24.82 -19.72
C ASN A 39 -24.05 -24.19 -21.10
N ASP A 40 -24.90 -24.70 -22.00
CA ASP A 40 -24.95 -24.18 -23.36
C ASP A 40 -25.72 -22.87 -23.46
N LYS A 41 -26.45 -22.47 -22.42
CA LYS A 41 -27.26 -21.26 -22.45
C LYS A 41 -26.79 -20.20 -21.45
N VAL A 42 -26.40 -20.61 -20.24
CA VAL A 42 -25.99 -19.67 -19.21
C VAL A 42 -24.68 -20.15 -18.61
N ALA A 43 -23.82 -19.20 -18.25
CA ALA A 43 -22.55 -19.51 -17.61
C ALA A 43 -22.18 -18.38 -16.66
N GLY A 44 -21.90 -18.72 -15.41
CA GLY A 44 -21.51 -17.73 -14.44
C GLY A 44 -21.48 -18.31 -13.04
N PHE A 45 -21.39 -17.39 -12.07
CA PHE A 45 -21.34 -17.70 -10.63
C PHE A 45 -22.29 -16.70 -9.97
N ALA A 46 -23.55 -17.10 -9.81
CA ALA A 46 -24.59 -16.13 -9.49
C ALA A 46 -25.64 -16.78 -8.59
N LYS A 47 -26.53 -15.94 -8.06
CA LYS A 47 -27.61 -16.42 -7.21
C LYS A 47 -28.78 -16.88 -8.07
N PHE A 48 -29.29 -18.07 -7.79
CA PHE A 48 -30.39 -18.67 -8.54
C PHE A 48 -31.47 -19.11 -7.58
N LEU A 49 -32.69 -19.23 -8.10
CA LEU A 49 -33.84 -19.63 -7.31
C LEU A 49 -33.95 -21.15 -7.33
N LYS A 50 -33.78 -21.78 -6.17
CA LYS A 50 -33.81 -23.24 -6.07
C LYS A 50 -34.14 -23.68 -4.64
N ARG A 118 -24.02 -35.45 7.07
CA ARG A 118 -25.33 -34.84 6.95
C ARG A 118 -25.31 -33.64 6.02
N LEU A 119 -26.46 -33.30 5.45
CA LEU A 119 -26.57 -32.19 4.51
C LEU A 119 -26.87 -30.91 5.29
N THR A 120 -25.97 -29.94 5.19
CA THR A 120 -26.15 -28.67 5.89
C THR A 120 -27.10 -27.76 5.11
N LYS A 121 -27.55 -26.70 5.78
CA LYS A 121 -28.40 -25.72 5.11
C LYS A 121 -27.66 -25.02 3.99
N TYR A 122 -26.39 -24.67 4.20
CA TYR A 122 -25.60 -23.94 3.23
C TYR A 122 -24.49 -24.82 2.69
N THR A 123 -23.99 -24.45 1.52
CA THR A 123 -22.90 -25.13 0.85
C THR A 123 -21.69 -24.20 0.79
N MET A 124 -20.55 -24.75 0.35
CA MET A 124 -19.33 -23.97 0.32
C MET A 124 -19.44 -22.78 -0.62
N ALA A 125 -20.21 -22.95 -1.70
CA ALA A 125 -20.39 -21.85 -2.64
C ALA A 125 -21.12 -20.68 -2.02
N ASP A 126 -22.02 -20.93 -1.05
CA ASP A 126 -22.67 -19.83 -0.36
C ASP A 126 -21.66 -19.03 0.47
N LEU A 127 -20.74 -19.72 1.15
CA LEU A 127 -19.68 -19.03 1.87
C LEU A 127 -18.82 -18.20 0.91
N VAL A 128 -18.43 -18.79 -0.22
CA VAL A 128 -17.57 -18.08 -1.16
C VAL A 128 -18.30 -16.88 -1.74
N TYR A 129 -19.57 -17.05 -2.10
CA TYR A 129 -20.36 -15.94 -2.66
C TYR A 129 -20.52 -14.82 -1.64
N ALA A 130 -20.85 -15.17 -0.38
CA ALA A 130 -21.05 -14.15 0.64
C ALA A 130 -19.77 -13.38 0.92
N LEU A 131 -18.64 -14.07 0.98
CA LEU A 131 -17.39 -13.39 1.26
C LEU A 131 -16.82 -12.66 0.06
N ARG A 132 -17.24 -13.03 -1.16
CA ARG A 132 -16.76 -12.37 -2.36
C ARG A 132 -17.67 -11.22 -2.79
N HIS A 133 -18.96 -11.50 -2.98
CA HIS A 133 -19.97 -10.48 -3.30
C HIS A 133 -20.56 -10.01 -1.98
N PHE A 134 -19.89 -9.06 -1.33
CA PHE A 134 -20.26 -8.63 0.01
C PHE A 134 -21.11 -7.37 -0.07
N ASP A 135 -22.25 -7.39 0.62
CA ASP A 135 -23.13 -6.23 0.73
C ASP A 135 -23.60 -6.14 2.17
N GLU A 136 -23.24 -5.05 2.86
CA GLU A 136 -23.61 -4.92 4.27
C GLU A 136 -25.11 -4.79 4.46
N GLY A 137 -25.85 -4.38 3.42
CA GLY A 137 -27.29 -4.36 3.53
C GLY A 137 -27.89 -5.75 3.65
N ASN A 138 -27.38 -6.70 2.87
CA ASN A 138 -27.88 -8.07 2.87
C ASN A 138 -26.71 -8.99 3.22
N CYS A 139 -26.50 -9.19 4.53
CA CYS A 139 -25.48 -10.08 5.05
C CYS A 139 -26.07 -11.32 5.71
N ASP A 140 -27.34 -11.60 5.46
CA ASP A 140 -28.05 -12.61 6.25
C ASP A 140 -27.40 -13.98 6.12
N THR A 141 -26.99 -14.36 4.90
CA THR A 141 -26.31 -15.64 4.73
C THR A 141 -24.98 -15.66 5.45
N LEU A 142 -24.21 -14.57 5.35
CA LEU A 142 -22.93 -14.52 6.05
C LEU A 142 -23.11 -14.57 7.56
N LYS A 143 -24.10 -13.84 8.09
CA LYS A 143 -24.35 -13.87 9.53
C LYS A 143 -24.76 -15.26 9.99
N GLU A 144 -25.65 -15.91 9.23
CA GLU A 144 -26.07 -17.26 9.60
C GLU A 144 -24.90 -18.23 9.56
N ILE A 145 -24.02 -18.09 8.56
CA ILE A 145 -22.87 -18.98 8.46
C ILE A 145 -21.91 -18.75 9.62
N LEU A 146 -21.65 -17.49 9.98
CA LEU A 146 -20.76 -17.21 11.10
C LEU A 146 -21.33 -17.72 12.41
N VAL A 147 -22.62 -17.48 12.66
CA VAL A 147 -23.21 -17.87 13.94
C VAL A 147 -23.35 -19.38 14.05
N THR A 148 -23.78 -20.04 12.97
CA THR A 148 -24.11 -21.46 13.05
C THR A 148 -22.89 -22.30 13.39
N TYR A 149 -21.71 -21.88 12.94
CA TYR A 149 -20.48 -22.65 13.13
C TYR A 149 -19.59 -22.06 14.21
N ASN A 150 -20.18 -21.45 15.24
CA ASN A 150 -19.51 -21.06 16.47
C ASN A 150 -18.40 -20.03 16.25
N CYS A 151 -18.38 -19.36 15.10
CA CYS A 151 -17.38 -18.31 14.90
C CYS A 151 -17.68 -17.09 15.75
N CYS A 152 -18.95 -16.84 16.04
CA CYS A 152 -19.37 -15.72 16.87
C CYS A 152 -20.81 -15.97 17.33
N ASP A 153 -21.44 -14.95 17.88
CA ASP A 153 -22.84 -14.99 18.26
C ASP A 153 -23.54 -13.72 17.78
N ASP A 154 -24.87 -13.77 17.73
CA ASP A 154 -25.64 -12.65 17.19
C ASP A 154 -25.32 -11.35 17.89
N ASP A 155 -24.99 -11.40 19.19
CA ASP A 155 -24.65 -10.18 19.91
C ASP A 155 -23.44 -9.48 19.32
N TYR A 156 -22.61 -10.18 18.54
CA TYR A 156 -21.47 -9.53 17.90
C TYR A 156 -21.91 -8.58 16.80
N PHE A 157 -23.08 -8.81 16.22
CA PHE A 157 -23.55 -8.01 15.09
C PHE A 157 -24.30 -6.76 15.51
N ASN A 158 -24.66 -6.64 16.79
CA ASN A 158 -25.35 -5.44 17.25
C ASN A 158 -24.45 -4.22 17.18
N LYS A 159 -23.15 -4.40 17.33
CA LYS A 159 -22.21 -3.30 17.21
C LYS A 159 -22.15 -2.81 15.77
N LYS A 160 -21.78 -1.54 15.61
CA LYS A 160 -21.56 -1.01 14.28
C LYS A 160 -20.17 -1.40 13.79
N ASP A 161 -20.01 -1.39 12.47
CA ASP A 161 -18.74 -1.71 11.81
C ASP A 161 -18.27 -3.13 12.13
N TRP A 162 -19.20 -4.06 12.34
CA TRP A 162 -18.82 -5.43 12.62
C TRP A 162 -18.14 -6.09 11.44
N TYR A 163 -18.26 -5.53 10.24
CA TYR A 163 -17.69 -6.09 9.02
C TYR A 163 -16.41 -5.41 8.58
N ASP A 164 -16.20 -4.16 8.98
CA ASP A 164 -15.04 -3.41 8.53
C ASP A 164 -13.77 -4.04 9.06
N PHE A 165 -12.78 -4.20 8.18
CA PHE A 165 -11.47 -4.69 8.62
C PHE A 165 -10.71 -3.62 9.39
N VAL A 166 -10.70 -2.39 8.87
CA VAL A 166 -9.88 -1.34 9.46
C VAL A 166 -10.42 -0.91 10.81
N GLU A 167 -11.74 -0.69 10.90
CA GLU A 167 -12.34 -0.20 12.13
C GLU A 167 -12.47 -1.29 13.19
N ASN A 168 -12.74 -2.52 12.79
CA ASN A 168 -12.94 -3.63 13.72
C ASN A 168 -12.02 -4.77 13.32
N PRO A 169 -10.73 -4.69 13.67
CA PRO A 169 -9.80 -5.77 13.30
C PRO A 169 -10.15 -7.11 13.93
N ASP A 170 -10.94 -7.14 15.00
CA ASP A 170 -11.34 -8.39 15.61
C ASP A 170 -12.09 -9.30 14.65
N ILE A 171 -12.69 -8.75 13.60
CA ILE A 171 -13.37 -9.59 12.61
C ILE A 171 -12.38 -10.54 11.96
N LEU A 172 -11.11 -10.12 11.83
CA LEU A 172 -10.09 -11.00 11.29
C LEU A 172 -9.95 -12.27 12.12
N ARG A 173 -10.21 -12.19 13.42
CA ARG A 173 -10.26 -13.39 14.23
C ARG A 173 -11.51 -14.21 13.93
N VAL A 174 -12.67 -13.55 13.81
CA VAL A 174 -13.92 -14.27 13.60
C VAL A 174 -13.86 -15.07 12.31
N TYR A 175 -13.45 -14.43 11.22
CA TYR A 175 -13.23 -15.16 9.97
C TYR A 175 -12.23 -16.28 10.17
N ALA A 176 -11.13 -16.00 10.89
CA ALA A 176 -10.13 -17.04 11.13
C ALA A 176 -10.70 -18.19 11.93
N ASN A 177 -11.75 -17.92 12.71
CA ASN A 177 -12.38 -18.99 13.49
C ASN A 177 -13.08 -20.01 12.61
N LEU A 178 -13.25 -19.70 11.32
CA LEU A 178 -13.77 -20.63 10.34
C LEU A 178 -12.67 -21.31 9.54
N GLY A 179 -11.43 -20.79 9.59
CA GLY A 179 -10.41 -21.24 8.67
C GLY A 179 -10.13 -22.72 8.74
N GLU A 180 -10.06 -23.27 9.96
CA GLU A 180 -9.81 -24.70 10.09
C GLU A 180 -10.86 -25.51 9.34
N ARG A 181 -12.13 -25.13 9.46
CA ARG A 181 -13.17 -25.80 8.71
C ARG A 181 -12.86 -25.81 7.23
N VAL A 182 -12.49 -24.63 6.70
CA VAL A 182 -12.11 -24.54 5.28
C VAL A 182 -10.99 -25.54 4.98
N ARG A 183 -9.96 -25.57 5.86
CA ARG A 183 -8.86 -26.48 5.63
C ARG A 183 -9.36 -27.91 5.50
N GLN A 184 -10.28 -28.32 6.39
CA GLN A 184 -10.79 -29.69 6.32
C GLN A 184 -11.42 -29.94 4.95
N ALA A 185 -12.21 -28.98 4.48
CA ALA A 185 -12.79 -29.10 3.14
C ALA A 185 -11.72 -29.40 2.11
N LEU A 186 -10.64 -28.60 2.12
CA LEU A 186 -9.55 -28.82 1.18
C LEU A 186 -9.10 -30.28 1.22
N LEU A 187 -8.81 -30.77 2.43
CA LEU A 187 -8.35 -32.15 2.54
C LEU A 187 -9.36 -33.10 1.95
N LYS A 188 -10.63 -32.93 2.31
CA LYS A 188 -11.66 -33.84 1.79
C LYS A 188 -11.73 -33.74 0.28
N THR A 189 -11.57 -32.53 -0.27
CA THR A 189 -11.55 -32.37 -1.71
C THR A 189 -10.55 -33.31 -2.34
N VAL A 190 -9.32 -33.31 -1.82
CA VAL A 190 -8.28 -34.19 -2.37
C VAL A 190 -8.76 -35.63 -2.32
N GLN A 191 -9.29 -36.06 -1.18
CA GLN A 191 -9.78 -37.42 -1.06
C GLN A 191 -10.78 -37.70 -2.17
N PHE A 192 -11.76 -36.81 -2.34
CA PHE A 192 -12.75 -37.00 -3.40
C PHE A 192 -12.07 -37.18 -4.74
N CYS A 193 -11.15 -36.27 -5.08
CA CYS A 193 -10.45 -36.37 -6.34
C CYS A 193 -9.78 -37.73 -6.46
N ASP A 194 -9.08 -38.16 -5.41
CA ASP A 194 -8.42 -39.46 -5.44
C ASP A 194 -9.43 -40.55 -5.77
N ALA A 195 -10.58 -40.54 -5.10
CA ALA A 195 -11.59 -41.55 -5.36
C ALA A 195 -11.98 -41.56 -6.82
N MET A 196 -12.20 -40.36 -7.39
CA MET A 196 -12.55 -40.30 -8.81
C MET A 196 -11.42 -40.85 -9.67
N ARG A 197 -10.18 -40.48 -9.36
CA ARG A 197 -9.06 -41.03 -10.11
C ARG A 197 -8.93 -42.53 -9.90
N ASN A 198 -9.42 -43.05 -8.78
CA ASN A 198 -9.40 -44.48 -8.53
C ASN A 198 -10.64 -45.18 -9.07
N ALA A 199 -11.58 -44.43 -9.64
CA ALA A 199 -12.77 -45.02 -10.23
C ALA A 199 -12.90 -44.71 -11.72
N GLY A 200 -11.91 -44.06 -12.32
CA GLY A 200 -11.96 -43.74 -13.73
C GLY A 200 -13.08 -42.78 -14.08
N ILE A 201 -13.21 -41.70 -13.31
CA ILE A 201 -14.28 -40.72 -13.48
C ILE A 201 -13.67 -39.37 -13.82
N VAL A 202 -14.16 -38.76 -14.88
CA VAL A 202 -13.76 -37.41 -15.28
C VAL A 202 -14.94 -36.50 -15.01
N GLY A 203 -14.72 -35.46 -14.20
CA GLY A 203 -15.79 -34.54 -13.86
C GLY A 203 -15.24 -33.16 -13.57
N VAL A 204 -16.15 -32.20 -13.49
CA VAL A 204 -15.82 -30.83 -13.15
C VAL A 204 -16.32 -30.58 -11.74
N LEU A 205 -15.42 -30.16 -10.85
CA LEU A 205 -15.75 -29.92 -9.46
C LEU A 205 -16.20 -28.48 -9.29
N THR A 206 -17.41 -28.31 -8.74
CA THR A 206 -17.95 -26.99 -8.46
C THR A 206 -18.12 -26.81 -6.97
N LEU A 207 -18.08 -25.56 -6.52
CA LEU A 207 -18.17 -25.25 -5.10
C LEU A 207 -19.53 -25.65 -4.52
N ASP A 208 -20.60 -25.46 -5.28
CA ASP A 208 -21.95 -25.65 -4.78
C ASP A 208 -22.27 -27.09 -4.43
N ASN A 209 -21.43 -28.04 -4.82
CA ASN A 209 -21.64 -29.44 -4.53
C ASN A 209 -20.97 -29.90 -3.24
N GLN A 210 -20.33 -28.99 -2.51
CA GLN A 210 -19.65 -29.32 -1.26
C GLN A 210 -20.30 -28.53 -0.13
N ASP A 211 -20.88 -29.23 0.84
CA ASP A 211 -21.45 -28.55 1.98
C ASP A 211 -20.35 -28.03 2.90
N LEU A 212 -20.75 -27.16 3.84
CA LEU A 212 -19.76 -26.47 4.65
C LEU A 212 -19.01 -27.39 5.60
N ASN A 213 -19.48 -28.62 5.80
CA ASN A 213 -18.70 -29.61 6.54
C ASN A 213 -17.60 -30.24 5.71
N GLY A 214 -17.59 -30.02 4.40
CA GLY A 214 -16.59 -30.58 3.51
C GLY A 214 -17.06 -31.76 2.68
N ASN A 215 -18.20 -32.35 3.01
CA ASN A 215 -18.69 -33.50 2.26
C ASN A 215 -19.06 -33.11 0.84
N TRP A 216 -18.95 -34.08 -0.07
CA TRP A 216 -19.37 -33.93 -1.46
C TRP A 216 -20.59 -34.80 -1.69
N TYR A 217 -21.69 -34.18 -2.11
CA TYR A 217 -22.94 -34.89 -2.37
C TYR A 217 -23.29 -34.91 -3.85
N ASP A 218 -22.29 -34.79 -4.72
CA ASP A 218 -22.49 -34.73 -6.16
C ASP A 218 -21.92 -35.97 -6.83
N PHE A 219 -22.70 -36.54 -7.75
CA PHE A 219 -22.21 -37.62 -8.60
C PHE A 219 -22.69 -37.48 -10.04
N GLY A 220 -23.28 -36.33 -10.41
CA GLY A 220 -23.60 -36.07 -11.79
C GLY A 220 -22.45 -35.39 -12.53
N ASP A 221 -22.66 -35.17 -13.84
CA ASP A 221 -21.67 -34.60 -14.74
C ASP A 221 -20.43 -35.49 -14.88
N PHE A 222 -20.50 -36.72 -14.41
CA PHE A 222 -19.34 -37.61 -14.33
C PHE A 222 -19.40 -38.61 -15.47
N ILE A 223 -18.32 -38.67 -16.26
CA ILE A 223 -18.23 -39.60 -17.38
C ILE A 223 -17.30 -40.73 -17.00
N GLN A 224 -17.81 -41.96 -17.03
CA GLN A 224 -17.02 -43.12 -16.68
C GLN A 224 -15.93 -43.36 -17.72
N THR A 225 -14.78 -43.83 -17.26
CA THR A 225 -13.64 -44.11 -18.12
C THR A 225 -12.96 -45.37 -17.56
N THR A 226 -11.79 -45.70 -18.09
CA THR A 226 -11.01 -46.79 -17.52
C THR A 226 -10.56 -46.42 -16.10
N PRO A 227 -10.76 -47.29 -15.11
CA PRO A 227 -10.33 -46.96 -13.76
C PRO A 227 -8.83 -46.70 -13.69
N GLY A 228 -8.46 -45.70 -12.89
CA GLY A 228 -7.08 -45.29 -12.75
C GLY A 228 -6.68 -44.12 -13.61
N SER A 229 -7.50 -43.75 -14.60
CA SER A 229 -7.16 -42.68 -15.52
C SER A 229 -8.06 -41.46 -15.38
N GLY A 230 -8.90 -41.41 -14.35
CA GLY A 230 -9.80 -40.29 -14.19
C GLY A 230 -9.03 -38.99 -14.00
N VAL A 231 -9.58 -37.91 -14.56
CA VAL A 231 -8.93 -36.60 -14.50
C VAL A 231 -9.90 -35.59 -13.91
N PRO A 232 -9.89 -35.35 -12.60
CA PRO A 232 -10.74 -34.30 -12.03
C PRO A 232 -10.34 -32.93 -12.58
N VAL A 233 -11.35 -32.10 -12.81
CA VAL A 233 -11.17 -30.73 -13.25
C VAL A 233 -11.44 -29.82 -12.06
N VAL A 234 -10.42 -29.13 -11.58
CA VAL A 234 -10.52 -28.38 -10.34
C VAL A 234 -10.05 -26.94 -10.54
N ASP A 235 -10.13 -26.46 -11.77
CA ASP A 235 -9.72 -25.07 -12.02
C ASP A 235 -10.70 -24.10 -11.37
N SER A 236 -11.99 -24.29 -11.60
CA SER A 236 -12.99 -23.36 -11.07
C SER A 236 -13.08 -23.46 -9.55
N TYR A 237 -13.14 -24.69 -9.03
CA TYR A 237 -13.27 -24.88 -7.59
C TYR A 237 -12.14 -24.19 -6.83
N TYR A 238 -10.91 -24.63 -7.06
CA TYR A 238 -9.77 -24.06 -6.35
C TYR A 238 -9.62 -22.58 -6.65
N SER A 239 -9.81 -22.19 -7.91
CA SER A 239 -9.58 -20.80 -8.28
C SER A 239 -10.53 -19.86 -7.56
N LEU A 240 -11.81 -20.26 -7.44
CA LEU A 240 -12.76 -19.44 -6.70
C LEU A 240 -12.53 -19.50 -5.20
N LEU A 241 -12.09 -20.65 -4.68
CA LEU A 241 -11.86 -20.79 -3.25
C LEU A 241 -10.60 -20.09 -2.77
N MET A 242 -9.69 -19.74 -3.68
CA MET A 242 -8.42 -19.14 -3.29
C MET A 242 -8.54 -17.93 -2.37
N PRO A 243 -9.36 -16.92 -2.64
CA PRO A 243 -9.37 -15.75 -1.74
C PRO A 243 -9.86 -16.06 -0.33
N ILE A 244 -10.62 -17.15 -0.15
CA ILE A 244 -11.08 -17.52 1.17
C ILE A 244 -10.02 -18.25 1.98
N LEU A 245 -8.95 -18.71 1.32
CA LEU A 245 -7.94 -19.50 2.02
C LEU A 245 -7.07 -18.63 2.92
N THR A 246 -6.80 -17.40 2.53
CA THR A 246 -6.02 -16.50 3.37
C THR A 246 -6.88 -15.54 4.16
N LEU A 247 -8.12 -15.29 3.73
CA LEU A 247 -9.03 -14.49 4.53
C LEU A 247 -9.36 -15.20 5.84
N THR A 248 -9.60 -16.50 5.78
CA THR A 248 -9.93 -17.27 6.97
C THR A 248 -8.71 -17.92 7.61
N ARG A 249 -7.52 -17.72 7.05
CA ARG A 249 -6.29 -18.31 7.58
C ARG A 249 -6.45 -19.82 7.79
N ALA A 250 -6.68 -20.52 6.68
CA ALA A 250 -6.96 -21.94 6.74
C ALA A 250 -5.73 -22.78 7.02
N LEU A 251 -4.53 -22.22 6.86
CA LEU A 251 -3.29 -22.98 7.01
C LEU A 251 -2.55 -22.67 8.30
N THR A 252 -3.26 -22.23 9.35
CA THR A 252 -2.61 -22.03 10.64
C THR A 252 -2.22 -23.35 11.27
N ALA A 253 -3.04 -24.39 11.11
CA ALA A 253 -2.76 -25.67 11.73
C ALA A 253 -1.53 -26.35 11.16
N GLU A 254 -0.97 -25.83 10.07
CA GLU A 254 0.30 -26.33 9.54
C GLU A 254 1.50 -25.81 10.31
N SER A 255 1.31 -24.85 11.21
CA SER A 255 2.38 -24.34 12.04
C SER A 255 2.53 -25.10 13.36
N HIS A 256 1.71 -26.13 13.57
CA HIS A 256 1.73 -26.90 14.81
C HIS A 256 2.23 -28.31 14.56
N VAL A 257 2.68 -28.97 15.63
CA VAL A 257 3.29 -30.28 15.51
C VAL A 257 2.23 -31.31 15.15
N ASP A 258 2.47 -32.08 14.09
CA ASP A 258 1.57 -33.12 13.61
C ASP A 258 0.22 -32.57 13.18
N THR A 259 0.16 -31.27 12.88
CA THR A 259 -1.05 -30.59 12.42
C THR A 259 -2.20 -30.78 13.41
N ASP A 260 -1.97 -30.29 14.63
CA ASP A 260 -2.97 -30.31 15.69
C ASP A 260 -3.05 -28.92 16.29
N LEU A 261 -4.24 -28.33 16.27
CA LEU A 261 -4.40 -26.97 16.77
C LEU A 261 -4.13 -26.89 18.28
N THR A 262 -4.32 -27.99 19.00
CA THR A 262 -4.03 -28.01 20.43
C THR A 262 -2.55 -28.11 20.72
N LYS A 263 -1.80 -28.83 19.89
CA LYS A 263 -0.39 -29.06 20.14
C LYS A 263 0.41 -27.78 19.91
N PRO A 264 1.61 -27.69 20.49
CA PRO A 264 2.40 -26.45 20.37
C PRO A 264 2.90 -26.19 18.96
N TYR A 265 3.62 -25.10 18.78
CA TYR A 265 4.16 -24.75 17.48
C TYR A 265 5.25 -25.73 17.07
N ILE A 266 5.65 -25.65 15.81
CA ILE A 266 6.77 -26.43 15.29
C ILE A 266 8.03 -25.61 15.47
N LYS A 267 9.03 -26.20 16.14
CA LYS A 267 10.30 -25.52 16.36
C LYS A 267 11.20 -25.76 15.15
N TRP A 268 11.01 -24.94 14.14
CA TRP A 268 11.92 -24.95 13.00
C TRP A 268 13.29 -24.46 13.44
N ASP A 269 14.32 -25.01 12.82
CA ASP A 269 15.68 -24.54 13.08
C ASP A 269 15.77 -23.06 12.81
N LEU A 270 16.38 -22.33 13.73
CA LEU A 270 16.49 -20.89 13.58
C LEU A 270 17.35 -20.51 12.38
N LEU A 271 18.15 -21.45 11.88
CA LEU A 271 19.07 -21.18 10.78
C LEU A 271 18.50 -21.54 9.42
N LYS A 272 17.32 -22.16 9.39
CA LYS A 272 16.77 -22.68 8.14
C LYS A 272 16.26 -21.57 7.24
N TYR A 273 16.54 -21.69 5.94
CA TYR A 273 16.00 -20.74 4.96
C TYR A 273 15.45 -21.40 3.71
N ASP A 274 15.76 -22.66 3.45
CA ASP A 274 15.32 -23.33 2.22
C ASP A 274 14.14 -24.24 2.59
N PHE A 275 12.94 -23.68 2.48
CA PHE A 275 11.71 -24.41 2.78
C PHE A 275 11.10 -25.04 1.54
N THR A 276 11.91 -25.35 0.52
CA THR A 276 11.37 -25.83 -0.74
C THR A 276 10.67 -27.17 -0.56
N GLU A 277 11.27 -28.10 0.18
CA GLU A 277 10.63 -29.41 0.38
C GLU A 277 9.31 -29.26 1.12
N GLU A 278 9.26 -28.35 2.10
CA GLU A 278 8.01 -28.10 2.81
C GLU A 278 6.96 -27.53 1.89
N ARG A 279 7.35 -26.64 0.98
CA ARG A 279 6.39 -26.11 0.01
C ARG A 279 5.88 -27.20 -0.92
N LEU A 280 6.76 -28.12 -1.35
CA LEU A 280 6.29 -29.26 -2.13
C LEU A 280 5.28 -30.10 -1.35
N LYS A 281 5.57 -30.36 -0.07
CA LYS A 281 4.63 -31.14 0.72
C LYS A 281 3.30 -30.42 0.88
N LEU A 282 3.33 -29.10 1.10
CA LEU A 282 2.10 -28.34 1.24
C LEU A 282 1.29 -28.37 -0.04
N PHE A 283 1.95 -28.19 -1.19
CA PHE A 283 1.24 -28.23 -2.47
C PHE A 283 0.67 -29.62 -2.73
N ASP A 284 1.43 -30.66 -2.47
CA ASP A 284 0.96 -32.01 -2.75
C ASP A 284 -0.07 -32.49 -1.74
N ARG A 285 -0.24 -31.78 -0.62
CA ARG A 285 -1.25 -32.19 0.35
C ARG A 285 -2.61 -31.56 0.08
N TYR A 286 -2.65 -30.29 -0.31
CA TYR A 286 -3.89 -29.56 -0.53
C TYR A 286 -4.23 -29.44 -2.02
N PHE A 287 -3.32 -28.90 -2.81
CA PHE A 287 -3.53 -28.76 -4.25
C PHE A 287 -2.83 -29.89 -5.00
N LYS A 288 -3.25 -31.12 -4.71
CA LYS A 288 -2.60 -32.27 -5.30
C LYS A 288 -2.98 -32.43 -6.78
N TYR A 289 -4.16 -31.96 -7.17
CA TYR A 289 -4.68 -32.17 -8.50
C TYR A 289 -4.75 -30.89 -9.32
N TRP A 290 -4.21 -29.79 -8.80
CA TRP A 290 -4.02 -28.59 -9.60
C TRP A 290 -2.95 -28.89 -10.65
N ASP A 291 -3.34 -28.97 -11.92
CA ASP A 291 -2.50 -29.60 -12.93
C ASP A 291 -1.29 -28.75 -13.30
N GLN A 292 -1.41 -27.42 -13.26
CA GLN A 292 -0.31 -26.57 -13.68
C GLN A 292 0.91 -26.78 -12.78
N THR A 293 2.09 -26.81 -13.40
CA THR A 293 3.31 -27.06 -12.67
C THR A 293 3.64 -25.90 -11.74
N TYR A 294 4.01 -26.21 -10.50
CA TYR A 294 4.28 -25.23 -9.47
C TYR A 294 5.77 -25.22 -9.16
N HIS A 295 6.38 -24.04 -9.22
CA HIS A 295 7.81 -23.87 -8.94
C HIS A 295 7.98 -23.08 -7.67
N PRO A 296 8.34 -23.71 -6.54
CA PRO A 296 8.49 -22.94 -5.29
C PRO A 296 9.50 -21.83 -5.38
N ASN A 297 10.59 -22.04 -6.11
CA ASN A 297 11.53 -20.98 -6.43
C ASN A 297 11.16 -20.39 -7.78
N CYS A 298 10.77 -19.12 -7.78
CA CYS A 298 10.32 -18.50 -9.02
C CYS A 298 11.46 -18.24 -9.99
N VAL A 299 12.68 -18.66 -9.68
CA VAL A 299 13.74 -18.66 -10.68
C VAL A 299 13.42 -19.67 -11.78
N ASN A 300 12.81 -20.79 -11.41
CA ASN A 300 12.47 -21.85 -12.36
C ASN A 300 11.26 -21.50 -13.23
N CYS A 301 10.57 -20.41 -12.94
CA CYS A 301 9.36 -20.08 -13.68
C CYS A 301 9.67 -19.73 -15.12
N LEU A 302 8.71 -19.99 -16.01
CA LEU A 302 8.92 -19.91 -17.45
C LEU A 302 8.58 -18.56 -18.04
N ASP A 303 7.56 -17.88 -17.52
CA ASP A 303 7.15 -16.58 -18.08
C ASP A 303 6.35 -15.84 -17.03
N ASP A 304 5.77 -14.70 -17.43
CA ASP A 304 5.09 -13.82 -16.48
C ASP A 304 3.90 -14.51 -15.83
N ARG A 305 3.10 -15.24 -16.62
CA ARG A 305 1.93 -15.90 -16.06
C ARG A 305 2.33 -17.02 -15.11
N CYS A 306 3.40 -17.75 -15.43
CA CYS A 306 3.90 -18.74 -14.49
C CYS A 306 4.42 -18.09 -13.21
N ILE A 307 5.06 -16.92 -13.33
CA ILE A 307 5.51 -16.22 -12.15
C ILE A 307 4.31 -15.84 -11.28
N LEU A 308 3.25 -15.33 -11.89
CA LEU A 308 2.05 -14.96 -11.13
C LEU A 308 1.46 -16.17 -10.43
N HIS A 309 1.35 -17.29 -11.14
CA HIS A 309 0.73 -18.48 -10.56
C HIS A 309 1.56 -19.02 -9.40
N CYS A 310 2.88 -19.17 -9.61
CA CYS A 310 3.74 -19.70 -8.56
C CYS A 310 3.82 -18.74 -7.36
N ALA A 311 3.87 -17.44 -7.62
CA ALA A 311 3.91 -16.48 -6.52
C ALA A 311 2.60 -16.47 -5.75
N ASN A 312 1.48 -16.69 -6.45
CA ASN A 312 0.20 -16.78 -5.76
C ASN A 312 0.18 -17.97 -4.82
N PHE A 313 0.73 -19.11 -5.24
CA PHE A 313 0.78 -20.24 -4.33
C PHE A 313 1.75 -20.00 -3.18
N ASN A 314 2.88 -19.36 -3.49
CA ASN A 314 3.90 -19.12 -2.43
C ASN A 314 3.31 -18.17 -1.37
N VAL A 315 2.52 -17.16 -1.77
CA VAL A 315 1.96 -16.23 -0.79
C VAL A 315 1.14 -16.97 0.26
N LEU A 316 0.34 -17.94 -0.17
CA LEU A 316 -0.38 -18.77 0.79
C LEU A 316 0.56 -19.64 1.60
N PHE A 317 1.57 -20.24 0.95
CA PHE A 317 2.41 -21.20 1.66
C PHE A 317 3.42 -20.55 2.59
N SER A 318 3.65 -19.24 2.48
CA SER A 318 4.63 -18.57 3.31
C SER A 318 4.07 -18.12 4.66
N THR A 319 2.78 -18.28 4.89
CA THR A 319 2.22 -17.95 6.20
C THR A 319 2.48 -19.03 7.23
N VAL A 320 2.84 -20.24 6.79
CA VAL A 320 3.13 -21.31 7.73
C VAL A 320 4.51 -21.13 8.36
N PHE A 321 5.48 -20.71 7.56
CA PHE A 321 6.87 -20.72 8.01
C PHE A 321 7.16 -19.54 8.93
N PRO A 322 8.16 -19.67 9.80
CA PRO A 322 8.48 -18.58 10.74
C PRO A 322 8.91 -17.33 9.99
N PRO A 323 8.51 -16.15 10.47
CA PRO A 323 8.83 -14.91 9.76
C PRO A 323 10.27 -14.47 9.90
N THR A 324 11.07 -15.14 10.73
CA THR A 324 12.49 -14.79 10.83
C THR A 324 13.32 -15.33 9.67
N SER A 325 12.81 -16.33 8.95
CA SER A 325 13.56 -16.91 7.84
C SER A 325 13.51 -16.01 6.60
N PHE A 326 12.37 -15.37 6.36
CA PHE A 326 12.26 -14.49 5.20
C PHE A 326 13.11 -13.25 5.38
N GLY A 327 13.66 -12.77 4.27
CA GLY A 327 14.58 -11.66 4.30
C GLY A 327 15.90 -12.05 3.67
N PRO A 328 16.86 -11.13 3.65
CA PRO A 328 18.14 -11.44 3.00
C PRO A 328 18.83 -12.63 3.65
N LEU A 329 19.44 -13.46 2.81
CA LEU A 329 20.33 -14.52 3.27
C LEU A 329 21.75 -13.99 3.23
N VAL A 330 22.50 -14.21 4.30
CA VAL A 330 23.82 -13.62 4.42
C VAL A 330 24.85 -14.72 4.62
N ARG A 331 26.09 -14.39 4.27
CA ARG A 331 27.20 -15.33 4.26
C ARG A 331 28.46 -14.55 4.57
N LYS A 332 29.38 -15.18 5.30
CA LYS A 332 30.65 -14.55 5.64
C LYS A 332 31.62 -14.74 4.48
N ILE A 333 32.10 -13.62 3.94
CA ILE A 333 33.13 -13.62 2.92
C ILE A 333 34.41 -13.03 3.52
N PHE A 334 35.51 -13.23 2.83
CA PHE A 334 36.82 -12.76 3.29
C PHE A 334 37.32 -11.73 2.29
N VAL A 335 37.13 -10.45 2.61
CA VAL A 335 37.58 -9.36 1.75
C VAL A 335 38.98 -8.96 2.22
N ASP A 336 39.98 -9.23 1.38
CA ASP A 336 41.38 -8.91 1.69
C ASP A 336 41.82 -9.53 3.02
N GLY A 337 41.15 -10.58 3.46
CA GLY A 337 41.45 -11.24 4.71
C GLY A 337 40.57 -10.85 5.88
N VAL A 338 39.90 -9.71 5.83
CA VAL A 338 39.01 -9.32 6.92
C VAL A 338 37.63 -9.93 6.64
N PRO A 339 37.00 -10.56 7.62
CA PRO A 339 35.72 -11.24 7.38
C PRO A 339 34.54 -10.27 7.37
N PHE A 340 33.97 -10.08 6.19
CA PHE A 340 32.70 -9.37 6.01
C PHE A 340 31.56 -10.37 6.09
N VAL A 341 30.35 -9.86 6.31
CA VAL A 341 29.13 -10.63 6.11
C VAL A 341 28.28 -9.87 5.11
N VAL A 342 27.92 -10.53 4.02
CA VAL A 342 27.20 -9.89 2.93
C VAL A 342 26.04 -10.76 2.50
N SER A 343 25.05 -10.14 1.88
CA SER A 343 23.88 -10.87 1.41
C SER A 343 24.21 -11.53 0.07
N THR A 344 24.08 -12.86 0.02
CA THR A 344 24.29 -13.63 -1.19
C THR A 344 23.00 -14.32 -1.60
N GLY A 345 21.89 -13.61 -1.48
CA GLY A 345 20.61 -14.17 -1.85
C GLY A 345 19.49 -13.39 -1.19
N TYR A 346 18.31 -14.00 -1.20
CA TYR A 346 17.14 -13.43 -0.57
C TYR A 346 16.10 -14.54 -0.44
N HIS A 347 15.18 -14.37 0.49
CA HIS A 347 14.05 -15.28 0.67
C HIS A 347 12.78 -14.45 0.60
N PHE A 348 12.00 -14.64 -0.47
CA PHE A 348 10.76 -13.91 -0.68
C PHE A 348 9.59 -14.76 -0.25
N ARG A 349 8.65 -14.14 0.48
CA ARG A 349 7.42 -14.82 0.86
C ARG A 349 6.66 -15.31 -0.36
N GLU A 350 6.86 -14.67 -1.51
CA GLU A 350 6.15 -14.98 -2.74
C GLU A 350 7.02 -15.59 -3.83
N LEU A 351 8.30 -15.25 -3.90
CA LEU A 351 9.18 -15.78 -4.94
C LEU A 351 10.13 -16.87 -4.44
N GLY A 352 10.01 -17.28 -3.18
CA GLY A 352 10.87 -18.37 -2.75
C GLY A 352 12.31 -17.91 -2.54
N VAL A 353 13.22 -18.87 -2.60
CA VAL A 353 14.64 -18.61 -2.38
C VAL A 353 15.26 -18.19 -3.70
N VAL A 354 15.98 -17.07 -3.69
CA VAL A 354 16.70 -16.58 -4.86
C VAL A 354 18.16 -16.39 -4.46
N HIS A 355 19.07 -16.92 -5.29
CA HIS A 355 20.49 -16.88 -4.98
C HIS A 355 21.21 -15.99 -5.99
N ASN A 356 22.11 -15.16 -5.49
CA ASN A 356 22.92 -14.31 -6.35
C ASN A 356 23.86 -15.16 -7.19
N GLN A 357 24.22 -14.63 -8.36
CA GLN A 357 25.09 -15.33 -9.29
C GLN A 357 26.52 -14.79 -9.30
N ASP A 358 26.74 -13.60 -8.75
CA ASP A 358 28.08 -13.01 -8.64
C ASP A 358 28.63 -13.14 -7.23
N VAL A 359 28.36 -14.26 -6.56
CA VAL A 359 28.86 -14.50 -5.21
C VAL A 359 30.37 -14.69 -5.30
N ASN A 360 31.13 -13.73 -4.78
CA ASN A 360 32.59 -13.75 -4.86
C ASN A 360 33.18 -13.74 -3.46
N LEU A 361 34.05 -14.71 -3.19
CA LEU A 361 34.79 -14.76 -1.93
C LEU A 361 35.99 -15.69 -2.03
N SER A 367 35.81 -1.31 -5.38
CA SER A 367 35.14 -0.59 -6.47
C SER A 367 33.87 0.07 -5.96
N PHE A 368 33.62 1.29 -6.45
CA PHE A 368 32.55 2.11 -5.90
C PHE A 368 31.20 1.40 -6.05
N LYS A 369 31.02 0.65 -7.13
CA LYS A 369 29.81 -0.17 -7.29
C LYS A 369 29.72 -1.23 -6.21
N GLU A 370 30.84 -1.89 -5.90
CA GLU A 370 30.78 -2.97 -4.94
C GLU A 370 30.58 -2.42 -3.53
N LEU A 371 31.17 -1.24 -3.27
CA LEU A 371 30.91 -0.55 -2.00
C LEU A 371 29.44 -0.14 -1.87
N LEU A 372 28.83 0.34 -2.96
CA LEU A 372 27.41 0.64 -2.90
C LEU A 372 26.57 -0.61 -2.63
N VAL A 373 26.91 -1.72 -3.27
CA VAL A 373 26.17 -2.95 -3.04
C VAL A 373 26.31 -3.39 -1.58
N TYR A 374 27.51 -3.19 -0.99
CA TYR A 374 27.71 -3.54 0.40
C TYR A 374 26.94 -2.61 1.33
N ALA A 375 27.00 -1.30 1.10
CA ALA A 375 26.42 -0.35 2.04
C ALA A 375 24.90 -0.33 1.96
N ALA A 376 24.34 -0.41 0.75
CA ALA A 376 22.89 -0.49 0.62
C ALA A 376 22.34 -1.75 1.26
N ASP A 377 23.14 -2.81 1.30
CA ASP A 377 22.74 -4.05 1.92
C ASP A 377 22.40 -3.80 3.39
N PRO A 378 21.24 -4.28 3.88
CA PRO A 378 20.96 -4.18 5.32
C PRO A 378 21.70 -5.20 6.15
N ALA A 379 22.56 -6.02 5.53
CA ALA A 379 23.20 -7.12 6.25
C ALA A 379 24.15 -6.60 7.31
N MET A 380 25.06 -5.71 6.94
CA MET A 380 26.03 -5.19 7.89
C MET A 380 25.35 -4.41 9.02
N HIS A 381 24.39 -3.56 8.67
CA HIS A 381 23.69 -2.77 9.68
C HIS A 381 22.92 -3.65 10.65
N ALA A 382 22.12 -4.59 10.12
CA ALA A 382 21.34 -5.47 10.97
C ALA A 382 22.18 -6.54 11.65
N ALA A 383 23.45 -6.70 11.27
CA ALA A 383 24.32 -7.64 11.95
C ALA A 383 25.10 -6.99 13.09
N SER A 384 25.57 -5.77 12.89
CA SER A 384 26.31 -5.07 13.94
C SER A 384 25.39 -4.35 14.92
N GLY A 385 24.09 -4.25 14.62
CA GLY A 385 23.20 -3.52 15.49
C GLY A 385 22.72 -4.35 16.67
N ASN A 386 22.29 -3.65 17.71
CA ASN A 386 21.76 -4.30 18.89
C ASN A 386 20.37 -4.86 18.62
N LEU A 387 20.06 -5.99 19.24
CA LEU A 387 18.72 -6.55 19.11
C LEU A 387 17.70 -5.57 19.67
N LEU A 388 16.55 -5.49 19.02
CA LEU A 388 15.48 -4.59 19.43
C LEU A 388 14.16 -5.34 19.52
N LEU A 389 13.42 -5.05 20.58
CA LEU A 389 12.07 -5.59 20.79
C LEU A 389 11.13 -4.40 20.98
N ASP A 390 10.40 -4.05 19.94
CA ASP A 390 9.50 -2.91 19.97
C ASP A 390 8.10 -3.40 20.32
N LYS A 391 7.63 -3.09 21.52
CA LYS A 391 6.28 -3.43 21.93
C LYS A 391 5.25 -2.39 21.50
N ARG A 392 5.69 -1.30 20.87
CA ARG A 392 4.75 -0.31 20.37
C ARG A 392 3.99 -0.80 19.14
N THR A 393 4.62 -1.63 18.32
CA THR A 393 4.03 -2.10 17.08
C THR A 393 4.05 -3.62 17.02
N THR A 394 3.06 -4.16 16.31
CA THR A 394 3.01 -5.60 16.04
C THR A 394 3.85 -5.99 14.82
N CYS A 395 4.39 -5.01 14.10
CA CYS A 395 5.25 -5.31 12.96
C CYS A 395 6.56 -5.92 13.43
N PHE A 396 7.04 -6.91 12.69
CA PHE A 396 8.26 -7.60 13.06
C PHE A 396 9.45 -6.64 13.03
N SER A 397 10.32 -6.75 14.02
CA SER A 397 11.47 -5.88 14.17
C SER A 397 12.75 -6.69 14.00
N VAL A 398 13.81 -6.02 13.56
CA VAL A 398 15.09 -6.66 13.26
C VAL A 398 16.17 -6.25 14.26
N ALA A 399 16.51 -4.97 14.30
CA ALA A 399 17.64 -4.54 15.11
C ALA A 399 17.56 -3.03 15.33
N ALA A 400 18.39 -2.55 16.23
CA ALA A 400 18.53 -1.13 16.53
C ALA A 400 19.91 -0.66 16.10
N LEU A 401 19.95 0.34 15.22
CA LEU A 401 21.20 0.83 14.67
C LEU A 401 21.84 1.93 15.50
N THR A 402 21.15 2.43 16.52
CA THR A 402 21.66 3.48 17.37
C THR A 402 21.53 3.07 18.83
N ASN A 403 22.07 3.90 19.72
CA ASN A 403 22.00 3.61 21.15
C ASN A 403 20.71 4.08 21.79
N ASN A 404 19.83 4.75 21.04
CA ASN A 404 18.56 5.22 21.58
C ASN A 404 17.49 5.18 20.50
N VAL A 405 16.24 5.14 20.93
CA VAL A 405 15.11 5.25 20.03
C VAL A 405 14.82 6.72 19.77
N ALA A 406 14.57 7.07 18.51
CA ALA A 406 14.39 8.46 18.11
C ALA A 406 12.91 8.77 17.96
N PHE A 407 12.49 9.91 18.51
CA PHE A 407 11.13 10.40 18.38
C PHE A 407 11.15 11.72 17.64
N GLN A 408 10.39 11.82 16.56
CA GLN A 408 10.35 13.00 15.71
C GLN A 408 8.99 13.66 15.81
N THR A 409 8.98 14.95 16.12
CA THR A 409 7.77 15.72 16.33
C THR A 409 7.55 16.65 15.14
N VAL A 410 6.30 16.76 14.71
CA VAL A 410 5.91 17.65 13.62
C VAL A 410 5.44 18.95 14.25
N LYS A 411 6.17 20.03 14.00
CA LYS A 411 5.81 21.32 14.56
C LYS A 411 4.59 21.89 13.84
N PRO A 412 3.84 22.77 14.49
CA PRO A 412 2.67 23.36 13.84
C PRO A 412 3.07 24.32 12.73
N GLY A 413 2.19 24.46 11.75
CA GLY A 413 2.47 25.34 10.64
C GLY A 413 2.37 26.80 11.02
N ASN A 414 3.04 27.63 10.24
CA ASN A 414 3.01 29.06 10.47
C ASN A 414 1.62 29.62 10.14
N PHE A 415 1.40 30.86 10.53
CA PHE A 415 0.12 31.54 10.33
C PHE A 415 0.37 32.88 9.67
N ASN A 416 -0.31 33.13 8.57
CA ASN A 416 -0.18 34.40 7.84
C ASN A 416 -1.19 35.37 8.42
N LYS A 417 -0.72 36.26 9.30
CA LYS A 417 -1.61 37.25 9.88
C LYS A 417 -2.13 38.23 8.82
N ASP A 418 -1.27 38.62 7.89
CA ASP A 418 -1.65 39.60 6.88
C ASP A 418 -2.81 39.10 6.04
N PHE A 419 -2.71 37.85 5.56
CA PHE A 419 -3.76 37.31 4.71
C PHE A 419 -5.06 37.13 5.46
N TYR A 420 -4.99 36.65 6.70
CA TYR A 420 -6.21 36.47 7.50
C TYR A 420 -6.87 37.81 7.80
N ASP A 421 -6.08 38.82 8.15
CA ASP A 421 -6.63 40.15 8.40
C ASP A 421 -7.28 40.71 7.15
N PHE A 422 -6.62 40.58 6.00
CA PHE A 422 -7.21 41.06 4.75
C PHE A 422 -8.50 40.31 4.43
N ALA A 423 -8.51 38.99 4.63
CA ALA A 423 -9.69 38.19 4.31
C ALA A 423 -10.87 38.57 5.20
N VAL A 424 -10.63 38.78 6.49
CA VAL A 424 -11.74 39.18 7.37
C VAL A 424 -12.12 40.64 7.17
N SER A 425 -11.22 41.46 6.61
CA SER A 425 -11.62 42.81 6.23
C SER A 425 -12.46 42.83 4.96
N LYS A 426 -12.48 41.74 4.21
CA LYS A 426 -13.26 41.63 2.99
C LYS A 426 -14.57 40.87 3.20
N GLY A 427 -14.93 40.59 4.44
CA GLY A 427 -16.20 39.94 4.73
C GLY A 427 -16.17 38.43 4.75
N PHE A 428 -15.00 37.82 4.83
CA PHE A 428 -14.89 36.37 4.89
C PHE A 428 -14.97 35.87 6.33
N PHE A 429 -15.08 34.55 6.47
CA PHE A 429 -14.96 33.87 7.76
C PHE A 429 -15.99 34.36 8.77
N LYS A 430 -17.20 34.67 8.33
CA LYS A 430 -18.27 35.02 9.24
C LYS A 430 -19.09 33.80 9.60
N GLU A 431 -19.93 33.95 10.62
CA GLU A 431 -20.78 32.85 11.06
C GLU A 431 -21.81 32.51 9.99
N GLY A 432 -21.99 31.21 9.74
CA GLY A 432 -22.97 30.76 8.80
C GLY A 432 -22.59 30.92 7.33
N SER A 433 -21.33 31.21 7.04
CA SER A 433 -20.89 31.36 5.66
C SER A 433 -20.67 29.99 5.03
N SER A 434 -20.22 29.99 3.77
CA SER A 434 -19.95 28.78 3.03
C SER A 434 -18.47 28.45 2.93
N VAL A 435 -17.61 29.45 2.91
CA VAL A 435 -16.15 29.26 2.88
C VAL A 435 -15.61 29.46 4.28
N GLU A 436 -14.76 28.53 4.72
CA GLU A 436 -14.18 28.56 6.06
C GLU A 436 -12.72 28.15 5.96
N LEU A 437 -12.07 28.06 7.12
CA LEU A 437 -10.75 27.45 7.23
C LEU A 437 -10.96 26.01 7.68
N LYS A 438 -10.84 25.07 6.74
CA LYS A 438 -10.97 23.66 7.03
C LYS A 438 -9.67 22.90 6.81
N HIS A 439 -8.61 23.60 6.42
CA HIS A 439 -7.34 22.96 6.10
C HIS A 439 -6.24 23.60 6.94
N PHE A 440 -5.58 22.79 7.76
CA PHE A 440 -4.60 23.27 8.71
C PHE A 440 -3.36 22.38 8.69
N PHE A 441 -2.28 22.89 9.27
CA PHE A 441 -1.09 22.09 9.57
C PHE A 441 -1.30 21.45 10.94
N PHE A 442 -1.56 20.14 10.95
CA PHE A 442 -1.85 19.43 12.19
C PHE A 442 -0.55 18.90 12.78
N ALA A 443 -0.19 19.41 13.96
CA ALA A 443 1.03 19.00 14.64
C ALA A 443 0.90 17.59 15.18
N GLN A 444 2.06 16.96 15.39
CA GLN A 444 2.13 15.58 15.85
C GLN A 444 3.15 15.45 16.96
N ASP A 445 2.99 14.42 17.78
CA ASP A 445 3.87 14.17 18.91
C ASP A 445 4.95 13.16 18.51
N GLY A 446 5.73 12.70 19.48
CA GLY A 446 6.84 11.81 19.19
C GLY A 446 6.44 10.41 18.80
N ASN A 447 5.24 9.97 19.17
CA ASN A 447 4.76 8.63 18.85
C ASN A 447 4.05 8.57 17.51
N ALA A 448 4.02 9.67 16.76
CA ALA A 448 3.26 9.69 15.51
C ALA A 448 3.88 8.80 14.45
N ALA A 449 5.20 8.84 14.29
CA ALA A 449 5.84 8.11 13.20
C ALA A 449 5.63 6.61 13.35
N ILE A 450 5.86 6.08 14.55
CA ILE A 450 5.74 4.63 14.73
C ILE A 450 4.27 4.22 14.70
N SER A 451 3.37 5.07 15.20
CA SER A 451 1.95 4.74 15.15
C SER A 451 1.44 4.71 13.72
N ASP A 452 1.96 5.58 12.85
CA ASP A 452 1.57 5.55 11.45
C ASP A 452 2.24 4.41 10.70
N TYR A 453 3.48 4.06 11.04
CA TYR A 453 4.08 2.86 10.47
C TYR A 453 3.30 1.62 10.87
N ASP A 454 2.68 1.64 12.05
CA ASP A 454 1.90 0.49 12.50
C ASP A 454 0.64 0.26 11.66
N TYR A 455 0.27 1.19 10.78
CA TYR A 455 -0.88 0.99 9.93
C TYR A 455 -0.70 -0.15 8.94
N TYR A 456 0.53 -0.65 8.78
CA TYR A 456 0.78 -1.82 7.95
C TYR A 456 0.16 -3.09 8.53
N ARG A 457 -0.46 -3.03 9.71
CA ARG A 457 -1.23 -4.17 10.19
C ARG A 457 -2.45 -4.42 9.33
N TYR A 458 -2.85 -3.45 8.52
CA TYR A 458 -3.91 -3.61 7.54
C TYR A 458 -3.48 -4.38 6.31
N ASN A 459 -2.18 -4.58 6.11
CA ASN A 459 -1.68 -5.37 4.99
C ASN A 459 -1.68 -6.84 5.38
N LEU A 460 -2.57 -7.60 4.80
CA LEU A 460 -2.64 -9.02 5.09
C LEU A 460 -2.14 -9.84 3.90
N PRO A 461 -1.64 -11.05 4.14
CA PRO A 461 -1.34 -11.93 3.00
C PRO A 461 -2.61 -12.30 2.26
N THR A 462 -2.75 -11.83 1.03
CA THR A 462 -3.94 -12.05 0.24
C THR A 462 -3.62 -12.98 -0.92
N MET A 463 -4.36 -14.08 -1.01
CA MET A 463 -4.26 -15.01 -2.11
C MET A 463 -5.35 -14.66 -3.13
N CYS A 464 -4.95 -14.46 -4.38
CA CYS A 464 -5.87 -13.96 -5.38
C CYS A 464 -6.47 -15.10 -6.19
N ASP A 465 -7.63 -14.81 -6.79
CA ASP A 465 -8.25 -15.72 -7.75
C ASP A 465 -7.35 -15.80 -8.98
N ILE A 466 -6.62 -16.91 -9.13
CA ILE A 466 -5.50 -16.91 -10.06
C ILE A 466 -5.99 -16.89 -11.51
N ARG A 467 -7.02 -17.66 -11.84
CA ARG A 467 -7.54 -17.61 -13.20
C ARG A 467 -8.11 -16.23 -13.52
N GLN A 468 -8.87 -15.67 -12.58
CA GLN A 468 -9.40 -14.32 -12.76
C GLN A 468 -8.29 -13.30 -12.86
N LEU A 469 -7.25 -13.43 -12.03
CA LEU A 469 -6.15 -12.47 -12.08
C LEU A 469 -5.38 -12.57 -13.39
N LEU A 470 -5.24 -13.79 -13.93
CA LEU A 470 -4.55 -13.94 -15.20
C LEU A 470 -5.34 -13.33 -16.35
N PHE A 471 -6.65 -13.59 -16.40
CA PHE A 471 -7.45 -12.94 -17.45
C PHE A 471 -7.46 -11.43 -17.26
N VAL A 472 -7.52 -10.96 -16.02
CA VAL A 472 -7.58 -9.53 -15.77
C VAL A 472 -6.28 -8.86 -16.15
N VAL A 473 -5.14 -9.51 -15.92
CA VAL A 473 -3.88 -8.93 -16.35
C VAL A 473 -3.79 -8.93 -17.88
N GLU A 474 -4.37 -9.95 -18.52
CA GLU A 474 -4.42 -9.93 -19.98
C GLU A 474 -5.23 -8.74 -20.50
N VAL A 475 -6.35 -8.45 -19.86
CA VAL A 475 -7.17 -7.31 -20.28
C VAL A 475 -6.47 -6.00 -19.95
N VAL A 476 -5.84 -5.92 -18.78
CA VAL A 476 -5.18 -4.69 -18.35
C VAL A 476 -4.01 -4.36 -19.25
N ASP A 477 -3.29 -5.37 -19.76
CA ASP A 477 -2.19 -5.11 -20.67
C ASP A 477 -2.66 -4.40 -21.93
N LYS A 478 -3.94 -4.57 -22.30
CA LYS A 478 -4.48 -3.87 -23.45
C LYS A 478 -4.56 -2.37 -23.24
N TYR A 479 -4.66 -1.91 -21.99
CA TYR A 479 -4.67 -0.49 -21.70
C TYR A 479 -3.29 0.13 -21.77
N PHE A 480 -2.25 -0.66 -22.05
CA PHE A 480 -0.88 -0.15 -22.13
C PHE A 480 -0.19 -0.55 -23.43
N ASP A 481 -0.94 -1.00 -24.44
CA ASP A 481 -0.32 -1.36 -25.71
C ASP A 481 -0.01 -0.14 -26.57
N CYS A 482 -0.63 1.00 -26.30
CA CYS A 482 -0.29 2.21 -27.05
C CYS A 482 0.94 2.92 -26.50
N TYR A 483 1.76 2.24 -25.71
CA TYR A 483 2.98 2.77 -25.14
C TYR A 483 4.15 1.84 -25.49
N ASP A 484 5.33 2.42 -25.63
CA ASP A 484 6.54 1.64 -25.86
C ASP A 484 7.55 1.88 -24.74
N GLY A 485 8.26 0.83 -24.38
CA GLY A 485 9.23 0.91 -23.30
C GLY A 485 10.36 -0.08 -23.51
N GLY A 486 11.39 0.07 -22.69
CA GLY A 486 12.53 -0.81 -22.74
C GLY A 486 13.66 -0.27 -21.91
N CYS A 487 14.67 -1.12 -21.71
CA CYS A 487 15.86 -0.71 -20.99
C CYS A 487 16.62 0.34 -21.80
N ILE A 488 17.22 1.29 -21.09
CA ILE A 488 18.04 2.32 -21.72
C ILE A 488 19.38 2.39 -21.00
N ASN A 489 20.35 3.01 -21.68
CA ASN A 489 21.66 3.18 -21.10
C ASN A 489 21.63 4.28 -20.04
N ALA A 490 22.75 4.47 -19.35
CA ALA A 490 22.79 5.45 -18.27
C ALA A 490 22.69 6.88 -18.79
N ASN A 491 23.19 7.14 -19.99
CA ASN A 491 23.21 8.50 -20.52
C ASN A 491 21.86 8.95 -21.06
N GLN A 492 20.90 8.06 -21.22
CA GLN A 492 19.56 8.42 -21.68
C GLN A 492 18.60 8.69 -20.53
N VAL A 493 19.04 8.55 -19.29
CA VAL A 493 18.17 8.68 -18.14
C VAL A 493 18.02 10.16 -17.77
N ILE A 494 16.78 10.60 -17.58
CA ILE A 494 16.46 11.96 -17.19
C ILE A 494 16.01 11.94 -15.74
N VAL A 495 16.65 12.77 -14.91
CA VAL A 495 16.34 12.88 -13.49
C VAL A 495 15.95 14.32 -13.18
N ASN A 496 14.83 14.48 -12.48
CA ASN A 496 14.29 15.82 -12.25
C ASN A 496 15.09 16.58 -11.20
N ASN A 497 15.14 16.06 -9.97
CA ASN A 497 15.80 16.73 -8.86
C ASN A 497 16.97 15.88 -8.41
N LEU A 498 18.17 16.46 -8.41
CA LEU A 498 19.36 15.82 -7.91
C LEU A 498 19.74 16.32 -6.51
N ASP A 499 18.89 17.13 -5.89
CA ASP A 499 19.10 17.59 -4.53
C ASP A 499 18.15 16.90 -3.55
N LYS A 500 17.86 15.63 -3.77
CA LYS A 500 17.01 14.84 -2.89
C LYS A 500 17.87 13.86 -2.10
N SER A 501 17.26 13.30 -1.05
CA SER A 501 17.98 12.34 -0.22
C SER A 501 18.28 11.07 -1.01
N ALA A 502 19.38 10.43 -0.65
CA ALA A 502 19.80 9.19 -1.30
C ALA A 502 19.43 7.96 -0.49
N GLY A 503 18.56 8.11 0.51
CA GLY A 503 18.17 6.97 1.33
C GLY A 503 19.16 6.71 2.45
N PHE A 504 19.06 5.51 3.01
CA PHE A 504 19.97 5.11 4.07
C PHE A 504 20.81 3.91 3.63
N PRO A 505 22.10 3.88 3.96
CA PRO A 505 22.87 4.83 4.77
C PRO A 505 23.41 6.01 3.98
N PHE A 506 22.97 6.12 2.72
CA PHE A 506 23.56 7.07 1.80
C PHE A 506 23.28 8.53 2.14
N ASN A 507 22.33 8.80 3.04
CA ASN A 507 22.06 10.20 3.39
C ASN A 507 23.11 10.79 4.31
N LYS A 508 24.02 9.97 4.83
CA LYS A 508 25.06 10.47 5.73
C LYS A 508 26.13 11.24 4.97
N TRP A 509 26.35 10.92 3.69
CA TRP A 509 27.50 11.42 2.96
C TRP A 509 27.17 12.46 1.89
N GLY A 510 25.91 12.61 1.53
CA GLY A 510 25.55 13.64 0.57
C GLY A 510 24.21 13.35 -0.08
N LYS A 511 23.89 14.18 -1.06
CA LYS A 511 22.66 14.03 -1.83
C LYS A 511 22.85 13.00 -2.94
N ALA A 512 21.81 12.84 -3.77
CA ALA A 512 21.93 11.96 -4.93
C ALA A 512 22.83 12.56 -6.01
N ARG A 513 22.98 13.88 -6.03
CA ARG A 513 23.86 14.52 -7.01
C ARG A 513 25.28 14.02 -6.86
N LEU A 514 25.73 13.82 -5.62
CA LEU A 514 27.09 13.34 -5.40
C LEU A 514 27.30 11.95 -5.99
N TYR A 515 26.30 11.07 -5.86
CA TYR A 515 26.43 9.72 -6.39
C TYR A 515 26.32 9.69 -7.90
N TYR A 516 25.49 10.56 -8.48
CA TYR A 516 25.40 10.61 -9.93
C TYR A 516 26.64 11.24 -10.55
N ASP A 517 27.31 12.15 -9.81
CA ASP A 517 28.56 12.72 -10.30
C ASP A 517 29.74 11.76 -10.10
N SER A 518 29.72 10.96 -9.04
CA SER A 518 30.85 10.07 -8.75
C SER A 518 30.95 8.98 -9.79
N MET A 519 29.84 8.33 -10.13
CA MET A 519 29.86 7.20 -11.05
C MET A 519 29.91 7.70 -12.49
N SER A 520 30.81 7.12 -13.27
CA SER A 520 30.76 7.31 -14.71
C SER A 520 29.63 6.48 -15.30
N TYR A 521 29.28 6.77 -16.55
CA TYR A 521 28.19 6.05 -17.20
C TYR A 521 28.49 4.57 -17.29
N GLU A 522 29.77 4.21 -17.46
CA GLU A 522 30.15 2.80 -17.45
C GLU A 522 29.88 2.15 -16.10
N ASP A 523 30.12 2.88 -15.02
CA ASP A 523 29.85 2.34 -13.68
C ASP A 523 28.35 2.11 -13.47
N GLN A 524 27.52 3.07 -13.89
CA GLN A 524 26.08 2.90 -13.74
C GLN A 524 25.57 1.75 -14.59
N ASP A 525 26.08 1.61 -15.82
CA ASP A 525 25.67 0.50 -16.66
C ASP A 525 26.12 -0.83 -16.07
N ALA A 526 27.32 -0.88 -15.48
CA ALA A 526 27.79 -2.10 -14.84
C ALA A 526 26.92 -2.46 -13.64
N LEU A 527 26.52 -1.45 -12.85
CA LEU A 527 25.63 -1.70 -11.73
C LEU A 527 24.27 -2.22 -12.21
N PHE A 528 23.73 -1.63 -13.28
CA PHE A 528 22.45 -2.09 -13.80
C PHE A 528 22.54 -3.51 -14.31
N ALA A 529 23.63 -3.85 -14.99
CA ALA A 529 23.82 -5.23 -15.43
C ALA A 529 23.99 -6.18 -14.25
N TYR A 530 24.61 -5.70 -13.16
CA TYR A 530 24.70 -6.50 -11.95
C TYR A 530 23.32 -6.80 -11.38
N THR A 531 22.43 -5.80 -11.35
CA THR A 531 21.11 -6.01 -10.81
C THR A 531 20.27 -6.96 -11.67
N LYS A 532 20.67 -7.21 -12.92
CA LYS A 532 19.98 -8.16 -13.77
C LYS A 532 20.35 -9.60 -13.45
N ARG A 533 21.40 -9.83 -12.67
CA ARG A 533 21.83 -11.17 -12.30
C ARG A 533 21.82 -11.45 -10.82
N ASN A 534 21.63 -10.43 -9.97
CA ASN A 534 21.72 -10.60 -8.53
C ASN A 534 20.61 -9.79 -7.86
N VAL A 535 20.45 -10.03 -6.55
CA VAL A 535 19.46 -9.33 -5.74
C VAL A 535 20.18 -8.41 -4.78
N ILE A 536 19.77 -7.14 -4.75
CA ILE A 536 20.41 -6.13 -3.92
C ILE A 536 19.39 -5.55 -2.94
N PRO A 537 19.25 -6.10 -1.74
CA PRO A 537 18.32 -5.53 -0.78
C PRO A 537 18.80 -4.17 -0.30
N THR A 538 17.85 -3.28 -0.05
CA THR A 538 18.17 -1.93 0.39
C THR A 538 17.37 -1.57 1.64
N ILE A 539 17.60 -0.36 2.13
CA ILE A 539 16.94 0.17 3.33
C ILE A 539 16.23 1.45 2.94
N THR A 540 14.95 1.55 3.28
CA THR A 540 14.15 2.73 2.97
C THR A 540 13.73 3.40 4.27
N GLN A 541 13.99 4.71 4.37
CA GLN A 541 13.59 5.46 5.54
C GLN A 541 12.12 5.83 5.47
N MET A 542 11.52 6.05 6.63
CA MET A 542 10.20 6.66 6.73
C MET A 542 10.33 8.04 7.34
N ASN A 543 9.83 9.05 6.64
CA ASN A 543 9.84 10.41 7.12
C ASN A 543 8.39 10.87 7.30
N LEU A 544 8.22 11.90 8.13
CA LEU A 544 6.89 12.48 8.32
C LEU A 544 6.71 13.67 7.40
N LYS A 545 5.54 13.76 6.78
CA LYS A 545 5.24 14.84 5.86
C LYS A 545 4.72 16.06 6.62
N TYR A 546 4.97 17.24 6.05
CA TYR A 546 4.66 18.52 6.68
C TYR A 546 3.96 19.38 5.62
N ALA A 547 2.63 19.30 5.59
CA ALA A 547 1.86 19.98 4.55
C ALA A 547 0.44 20.18 5.05
N ILE A 548 -0.29 21.05 4.34
CA ILE A 548 -1.71 21.26 4.62
C ILE A 548 -2.47 19.95 4.51
N SER A 549 -3.31 19.68 5.51
CA SER A 549 -4.19 18.53 5.48
C SER A 549 -5.48 18.87 6.22
N ALA A 550 -6.54 18.17 5.86
CA ALA A 550 -7.85 18.38 6.48
C ALA A 550 -8.15 17.37 7.58
N LYS A 551 -7.20 16.51 7.91
CA LYS A 551 -7.39 15.50 8.95
C LYS A 551 -6.16 15.46 9.85
N ASN A 552 -6.38 15.13 11.12
CA ASN A 552 -5.32 15.17 12.12
C ASN A 552 -4.28 14.06 11.94
N ARG A 553 -4.54 13.07 11.08
CA ARG A 553 -3.58 12.01 10.85
C ARG A 553 -2.34 12.54 10.16
N ALA A 554 -1.19 11.96 10.50
CA ALA A 554 0.07 12.32 9.88
C ALA A 554 0.29 11.48 8.62
N ARG A 555 1.14 12.00 7.73
CA ARG A 555 1.46 11.32 6.48
C ARG A 555 2.94 10.97 6.47
N THR A 556 3.24 9.71 6.20
CA THR A 556 4.61 9.22 6.13
C THR A 556 4.99 8.93 4.69
N VAL A 557 6.22 9.30 4.34
CA VAL A 557 6.77 9.10 3.00
C VAL A 557 7.98 8.18 3.11
N ALA A 558 8.04 7.19 2.23
CA ALA A 558 9.08 6.17 2.28
C ALA A 558 10.19 6.56 1.32
N GLY A 559 11.23 7.18 1.84
CA GLY A 559 12.38 7.55 1.04
C GLY A 559 13.25 6.35 0.72
N VAL A 560 13.38 6.03 -0.56
CA VAL A 560 14.12 4.85 -1.00
C VAL A 560 15.58 5.21 -1.20
N SER A 561 16.43 4.19 -1.26
CA SER A 561 17.86 4.36 -1.41
C SER A 561 18.20 4.79 -2.83
N ILE A 562 19.49 4.87 -3.14
CA ILE A 562 19.89 5.34 -4.46
C ILE A 562 20.05 4.19 -5.44
N CYS A 563 20.43 3.01 -4.98
CA CYS A 563 20.58 1.88 -5.90
C CYS A 563 19.25 1.52 -6.54
N SER A 564 18.20 1.42 -5.72
CA SER A 564 16.87 1.14 -6.25
C SER A 564 16.44 2.21 -7.22
N THR A 565 16.64 3.49 -6.88
CA THR A 565 16.22 4.58 -7.75
C THR A 565 16.93 4.51 -9.09
N MET A 566 18.25 4.33 -9.08
CA MET A 566 19.02 4.29 -10.33
C MET A 566 18.59 3.13 -11.21
N THR A 567 18.56 1.92 -10.64
CA THR A 567 18.26 0.76 -11.47
C THR A 567 16.81 0.78 -11.96
N ASN A 568 15.87 1.21 -11.11
CA ASN A 568 14.49 1.29 -11.55
C ASN A 568 14.29 2.36 -12.61
N ARG A 569 15.03 3.47 -12.51
CA ARG A 569 14.98 4.48 -13.56
C ARG A 569 15.44 3.88 -14.88
N GLN A 570 16.61 3.25 -14.89
CA GLN A 570 17.11 2.67 -16.13
C GLN A 570 16.17 1.60 -16.68
N PHE A 571 15.48 0.89 -15.80
CA PHE A 571 14.57 -0.17 -16.25
C PHE A 571 13.28 0.39 -16.83
N HIS A 572 12.71 1.42 -16.20
CA HIS A 572 11.33 1.81 -16.42
C HIS A 572 11.11 3.18 -17.04
N GLN A 573 12.16 3.99 -17.24
CA GLN A 573 11.92 5.37 -17.59
C GLN A 573 11.35 5.53 -18.99
N LYS A 574 11.73 4.66 -19.94
CA LYS A 574 11.18 4.77 -21.29
C LYS A 574 9.67 4.60 -21.28
N LEU A 575 9.18 3.54 -20.62
CA LEU A 575 7.75 3.32 -20.53
C LEU A 575 7.07 4.41 -19.73
N LEU A 576 7.71 4.89 -18.65
CA LEU A 576 7.10 5.94 -17.85
C LEU A 576 6.92 7.21 -18.64
N LYS A 577 7.94 7.62 -19.40
CA LYS A 577 7.83 8.82 -20.22
C LYS A 577 6.86 8.61 -21.38
N SER A 578 6.73 7.37 -21.88
CA SER A 578 5.73 7.09 -22.91
C SER A 578 4.32 7.27 -22.36
N ILE A 579 4.07 6.77 -21.15
CA ILE A 579 2.75 6.92 -20.54
C ILE A 579 2.48 8.38 -20.20
N ALA A 580 3.50 9.11 -19.77
CA ALA A 580 3.33 10.50 -19.36
C ALA A 580 3.21 11.46 -20.54
N ALA A 581 3.40 11.00 -21.77
CA ALA A 581 3.34 11.86 -22.95
C ALA A 581 2.28 11.42 -23.95
N THR A 582 1.38 10.53 -23.56
CA THR A 582 0.29 10.08 -24.42
C THR A 582 -1.01 10.71 -23.96
N ARG A 583 -1.73 11.32 -24.90
CA ARG A 583 -2.97 12.02 -24.63
C ARG A 583 -4.14 11.29 -25.27
N GLY A 584 -5.21 11.09 -24.50
CA GLY A 584 -6.40 10.45 -24.99
C GLY A 584 -6.60 9.01 -24.56
N ALA A 585 -5.70 8.46 -23.75
CA ALA A 585 -5.82 7.09 -23.32
C ALA A 585 -6.53 7.01 -21.96
N THR A 586 -6.65 5.79 -21.43
CA THR A 586 -7.30 5.62 -20.14
C THR A 586 -6.52 6.31 -19.03
N VAL A 587 -5.21 6.07 -18.96
CA VAL A 587 -4.38 6.68 -17.93
C VAL A 587 -4.09 8.12 -18.33
N VAL A 588 -4.51 9.06 -17.51
CA VAL A 588 -4.40 10.47 -17.83
C VAL A 588 -3.24 11.13 -17.10
N ILE A 589 -2.24 10.34 -16.69
CA ILE A 589 -1.04 10.92 -16.09
C ILE A 589 -0.29 11.70 -17.15
N GLY A 590 0.08 12.92 -16.82
CA GLY A 590 0.77 13.80 -17.76
C GLY A 590 -0.14 14.66 -18.61
N THR A 591 -1.46 14.44 -18.55
CA THR A 591 -2.41 15.25 -19.29
C THR A 591 -2.84 16.41 -18.39
N SER A 592 -2.37 17.61 -18.71
CA SER A 592 -2.68 18.77 -17.88
C SER A 592 -4.16 19.10 -17.93
N LYS A 593 -4.67 19.60 -16.82
CA LYS A 593 -6.03 20.10 -16.75
C LYS A 593 -6.17 21.51 -17.30
N PHE A 594 -5.06 22.15 -17.64
CA PHE A 594 -5.05 23.52 -18.13
C PHE A 594 -5.24 23.57 -19.64
N TYR A 595 -5.42 24.79 -20.15
CA TYR A 595 -5.47 25.05 -21.59
C TYR A 595 -6.47 24.13 -22.29
N GLY A 596 -7.66 24.04 -21.71
CA GLY A 596 -8.66 23.14 -22.25
C GLY A 596 -8.38 21.68 -22.02
N GLY A 597 -7.42 21.35 -21.16
CA GLY A 597 -7.12 19.95 -20.91
C GLY A 597 -8.26 19.24 -20.20
N TRP A 598 -8.86 19.89 -19.20
CA TRP A 598 -9.96 19.26 -18.46
C TRP A 598 -11.14 18.97 -19.37
N HIS A 599 -11.48 19.91 -20.26
CA HIS A 599 -12.59 19.72 -21.17
C HIS A 599 -12.33 18.55 -22.11
N ASN A 600 -11.11 18.47 -22.67
CA ASN A 600 -10.77 17.37 -23.57
C ASN A 600 -10.81 16.04 -22.84
N MET A 601 -10.30 16.01 -21.61
CA MET A 601 -10.37 14.80 -20.79
C MET A 601 -11.82 14.35 -20.61
N LEU A 602 -12.69 15.28 -20.25
CA LEU A 602 -14.09 14.93 -20.00
C LEU A 602 -14.79 14.46 -21.27
N LYS A 603 -14.52 15.12 -22.40
CA LYS A 603 -15.12 14.68 -23.66
C LYS A 603 -14.61 13.31 -24.06
N THR A 604 -13.34 13.02 -23.77
CA THR A 604 -12.80 11.70 -24.03
C THR A 604 -13.50 10.64 -23.18
N VAL A 605 -13.80 10.97 -21.92
CA VAL A 605 -14.47 10.00 -21.07
C VAL A 605 -15.92 9.79 -21.52
N TYR A 606 -16.60 10.85 -21.94
CA TYR A 606 -18.01 10.73 -22.33
C TYR A 606 -18.19 10.01 -23.66
N SER A 607 -17.12 9.75 -24.40
CA SER A 607 -17.23 9.38 -25.80
C SER A 607 -18.03 8.09 -26.00
N ASP A 608 -19.12 8.20 -26.75
CA ASP A 608 -19.88 7.06 -27.27
C ASP A 608 -20.37 6.13 -26.15
N VAL A 609 -21.23 6.69 -25.30
CA VAL A 609 -21.90 5.93 -24.25
C VAL A 609 -23.39 6.22 -24.35
N GLU A 610 -24.20 5.16 -24.45
CA GLU A 610 -25.60 5.32 -24.83
C GLU A 610 -26.41 6.05 -23.76
N ASN A 611 -26.29 5.63 -22.50
CA ASN A 611 -27.00 6.25 -21.38
C ASN A 611 -25.97 6.62 -20.33
N PRO A 612 -25.18 7.67 -20.57
CA PRO A 612 -23.98 7.89 -19.76
C PRO A 612 -24.30 8.48 -18.40
N HIS A 613 -23.96 7.74 -17.35
CA HIS A 613 -23.85 8.29 -16.02
C HIS A 613 -22.38 8.26 -15.61
N LEU A 614 -22.03 9.10 -14.64
CA LEU A 614 -20.68 9.12 -14.12
C LEU A 614 -20.66 8.52 -12.72
N MET A 615 -19.52 7.96 -12.33
CA MET A 615 -19.35 7.52 -10.96
C MET A 615 -17.88 7.57 -10.59
N GLY A 616 -17.64 7.50 -9.29
CA GLY A 616 -16.29 7.53 -8.76
C GLY A 616 -16.25 6.87 -7.41
N TRP A 617 -15.04 6.48 -7.01
CA TRP A 617 -14.82 5.77 -5.76
C TRP A 617 -13.44 6.15 -5.23
N ASP A 618 -13.11 5.61 -4.05
CA ASP A 618 -11.78 5.78 -3.49
C ASP A 618 -11.33 4.47 -2.87
N TYR A 619 -10.02 4.34 -2.72
CA TYR A 619 -9.44 3.16 -2.10
C TYR A 619 -9.06 3.51 -0.66
N PRO A 620 -9.70 2.90 0.34
CA PRO A 620 -9.35 3.23 1.73
C PRO A 620 -8.07 2.51 2.14
N LYS A 621 -7.12 3.28 2.65
CA LYS A 621 -5.79 2.76 3.02
C LYS A 621 -5.15 2.06 1.82
N CYS A 622 -5.16 2.74 0.67
CA CYS A 622 -4.64 2.14 -0.55
C CYS A 622 -3.16 1.82 -0.45
N ASP A 623 -2.38 2.74 0.12
CA ASP A 623 -0.94 2.59 0.18
C ASP A 623 -0.48 1.57 1.22
N ARG A 624 -1.36 1.09 2.07
CA ARG A 624 -0.99 0.12 3.10
C ARG A 624 -1.71 -1.21 2.96
N ALA A 625 -2.94 -1.22 2.46
CA ALA A 625 -3.74 -2.43 2.41
C ALA A 625 -3.62 -3.18 1.10
N MET A 626 -2.81 -2.70 0.16
CA MET A 626 -2.72 -3.34 -1.15
C MET A 626 -2.14 -4.74 -1.01
N PRO A 627 -2.75 -5.74 -1.64
CA PRO A 627 -2.15 -7.09 -1.62
C PRO A 627 -0.84 -7.10 -2.38
N ASN A 628 0.03 -8.03 -2.01
CA ASN A 628 1.34 -8.12 -2.66
C ASN A 628 1.21 -8.67 -4.07
N MET A 629 0.23 -9.54 -4.31
CA MET A 629 0.06 -10.12 -5.64
C MET A 629 -0.29 -9.04 -6.66
N LEU A 630 -1.10 -8.06 -6.27
CA LEU A 630 -1.45 -6.99 -7.20
C LEU A 630 -0.25 -6.10 -7.50
N ARG A 631 0.62 -5.88 -6.52
CA ARG A 631 1.84 -5.10 -6.77
C ARG A 631 2.79 -5.87 -7.69
N ILE A 632 2.90 -7.18 -7.50
CA ILE A 632 3.70 -8.01 -8.39
C ILE A 632 3.15 -7.95 -9.80
N MET A 633 1.82 -8.04 -9.94
CA MET A 633 1.19 -7.96 -11.25
C MET A 633 1.44 -6.61 -11.90
N ALA A 634 1.39 -5.54 -11.12
CA ALA A 634 1.67 -4.21 -11.67
C ALA A 634 3.10 -4.13 -12.19
N SER A 635 4.06 -4.66 -11.43
CA SER A 635 5.44 -4.67 -11.90
C SER A 635 5.59 -5.52 -13.16
N LEU A 636 4.89 -6.65 -13.23
CA LEU A 636 4.96 -7.48 -14.42
C LEU A 636 4.37 -6.79 -15.63
N VAL A 637 3.26 -6.06 -15.44
CA VAL A 637 2.67 -5.31 -16.54
C VAL A 637 3.63 -4.21 -17.02
N LEU A 638 4.27 -3.52 -16.08
CA LEU A 638 5.24 -2.50 -16.49
C LEU A 638 6.47 -3.11 -17.17
N ALA A 639 6.83 -4.33 -16.80
CA ALA A 639 8.02 -4.98 -17.37
C ALA A 639 7.73 -5.79 -18.62
N ARG A 640 6.47 -5.93 -19.01
CA ARG A 640 6.14 -6.65 -20.24
C ARG A 640 6.67 -5.95 -21.49
N LYS A 641 7.11 -4.70 -21.39
CA LYS A 641 7.66 -3.97 -22.51
C LYS A 641 9.10 -4.32 -22.83
N HIS A 642 9.61 -5.42 -22.29
CA HIS A 642 11.01 -5.83 -22.46
C HIS A 642 11.10 -7.17 -23.14
N THR A 643 10.32 -7.39 -24.20
CA THR A 643 10.31 -8.69 -24.86
C THR A 643 11.56 -8.93 -25.70
N THR A 644 12.34 -7.89 -26.00
CA THR A 644 13.51 -8.04 -26.84
C THR A 644 14.82 -7.61 -26.18
N CYS A 645 14.79 -6.66 -25.26
CA CYS A 645 16.02 -6.17 -24.65
C CYS A 645 16.48 -7.01 -23.46
N CYS A 646 15.55 -7.67 -22.77
CA CYS A 646 15.86 -8.46 -21.59
C CYS A 646 15.40 -9.89 -21.79
N SER A 647 16.19 -10.84 -21.31
CA SER A 647 15.84 -12.24 -21.37
C SER A 647 14.86 -12.55 -20.24
N LEU A 648 14.50 -13.82 -20.08
CA LEU A 648 13.59 -14.20 -19.01
C LEU A 648 14.25 -14.09 -17.65
N SER A 649 15.48 -14.61 -17.52
CA SER A 649 16.17 -14.56 -16.24
C SER A 649 16.45 -13.13 -15.81
N HIS A 650 16.84 -12.27 -16.75
CA HIS A 650 17.12 -10.87 -16.42
C HIS A 650 15.88 -10.18 -15.92
N ARG A 651 14.74 -10.42 -16.56
CA ARG A 651 13.50 -9.78 -16.12
C ARG A 651 13.05 -10.34 -14.77
N PHE A 652 13.26 -11.63 -14.53
CA PHE A 652 12.90 -12.17 -13.21
C PHE A 652 13.77 -11.59 -12.11
N TYR A 653 15.07 -11.46 -12.37
CA TYR A 653 15.94 -10.89 -11.34
C TYR A 653 15.65 -9.41 -11.12
N ARG A 654 15.24 -8.69 -12.17
CA ARG A 654 14.77 -7.33 -11.98
C ARG A 654 13.53 -7.30 -11.11
N LEU A 655 12.57 -8.19 -11.38
CA LEU A 655 11.36 -8.26 -10.56
C LEU A 655 11.70 -8.55 -9.11
N ALA A 656 12.61 -9.48 -8.87
CA ALA A 656 13.09 -9.74 -7.52
C ALA A 656 13.72 -8.50 -6.91
N ASN A 657 14.38 -7.67 -7.72
CA ASN A 657 14.94 -6.43 -7.22
C ASN A 657 13.84 -5.48 -6.73
N GLU A 658 12.78 -5.30 -7.51
CA GLU A 658 11.69 -4.45 -6.99
C GLU A 658 11.05 -5.08 -5.76
N CYS A 659 10.88 -6.40 -5.75
CA CYS A 659 10.26 -7.04 -4.60
C CYS A 659 11.09 -6.85 -3.33
N ALA A 660 12.42 -6.92 -3.45
CA ALA A 660 13.30 -6.80 -2.31
C ALA A 660 13.62 -5.35 -1.95
N GLN A 661 13.32 -4.39 -2.82
CA GLN A 661 13.62 -3.00 -2.52
C GLN A 661 12.40 -2.11 -2.39
N VAL A 662 11.21 -2.58 -2.77
CA VAL A 662 9.99 -1.81 -2.69
C VAL A 662 8.92 -2.51 -1.88
N LEU A 663 8.73 -3.81 -2.10
CA LEU A 663 7.58 -4.53 -1.55
C LEU A 663 7.82 -5.07 -0.15
N SER A 664 9.02 -5.59 0.14
CA SER A 664 9.28 -6.21 1.43
C SER A 664 10.65 -5.80 1.96
N GLU A 665 11.02 -4.55 1.76
CA GLU A 665 12.35 -4.10 2.14
C GLU A 665 12.44 -3.85 3.65
N MET A 666 13.65 -3.64 4.13
CA MET A 666 13.86 -3.21 5.51
C MET A 666 13.56 -1.73 5.63
N VAL A 667 12.74 -1.38 6.60
CA VAL A 667 12.27 -0.02 6.82
C VAL A 667 12.92 0.52 8.07
N MET A 668 13.64 1.64 7.94
CA MET A 668 14.33 2.25 9.08
C MET A 668 13.46 3.36 9.62
N CYS A 669 12.82 3.11 10.77
CA CYS A 669 11.99 4.09 11.45
C CYS A 669 12.63 4.46 12.78
N GLY A 670 12.89 5.75 12.96
CA GLY A 670 13.44 6.23 14.21
C GLY A 670 14.78 5.63 14.59
N GLY A 671 15.52 5.11 13.62
CA GLY A 671 16.77 4.44 13.92
C GLY A 671 16.66 2.96 14.18
N SER A 672 15.54 2.33 13.82
CA SER A 672 15.33 0.91 14.05
C SER A 672 14.89 0.24 12.76
N LEU A 673 15.39 -0.98 12.54
CA LEU A 673 15.07 -1.72 11.32
C LEU A 673 13.88 -2.63 11.58
N TYR A 674 12.78 -2.38 10.88
CA TYR A 674 11.62 -3.26 10.85
C TYR A 674 11.49 -3.86 9.47
N VAL A 675 10.64 -4.88 9.34
CA VAL A 675 10.34 -5.45 8.04
C VAL A 675 8.99 -4.90 7.58
N LYS A 676 8.90 -4.57 6.31
CA LYS A 676 7.64 -4.11 5.73
C LYS A 676 6.82 -5.32 5.30
N PRO A 677 5.62 -5.52 5.85
CA PRO A 677 4.82 -6.69 5.45
C PRO A 677 4.40 -6.67 4.00
N GLY A 678 4.38 -5.50 3.36
CA GLY A 678 3.95 -5.40 1.98
C GLY A 678 3.53 -4.00 1.62
N GLY A 679 2.43 -3.88 0.89
CA GLY A 679 1.96 -2.56 0.49
C GLY A 679 2.85 -1.98 -0.58
N THR A 680 2.83 -0.64 -0.65
CA THR A 680 3.63 0.09 -1.62
C THR A 680 4.51 1.11 -0.91
N SER A 681 5.62 1.45 -1.56
CA SER A 681 6.48 2.52 -1.09
C SER A 681 6.08 3.80 -1.81
N SER A 682 5.59 4.78 -1.04
CA SER A 682 5.12 6.03 -1.64
C SER A 682 6.25 6.82 -2.27
N GLY A 683 7.50 6.55 -1.91
CA GLY A 683 8.65 7.19 -2.51
C GLY A 683 9.31 6.38 -3.61
N ASP A 684 8.66 5.35 -4.11
CA ASP A 684 9.21 4.52 -5.18
C ASP A 684 9.21 5.29 -6.50
N ALA A 685 10.05 4.82 -7.43
CA ALA A 685 10.16 5.46 -8.73
C ALA A 685 8.86 5.36 -9.52
N THR A 686 8.20 4.21 -9.48
CA THR A 686 7.03 3.92 -10.30
C THR A 686 5.78 3.76 -9.46
N THR A 687 5.58 4.65 -8.48
CA THR A 687 4.43 4.52 -7.59
C THR A 687 3.13 4.83 -8.33
N ALA A 688 3.08 5.95 -9.05
CA ALA A 688 1.84 6.38 -9.70
C ALA A 688 1.42 5.39 -10.79
N TYR A 689 2.37 4.87 -11.56
CA TYR A 689 2.03 4.02 -12.68
C TYR A 689 1.63 2.62 -12.22
N ALA A 690 2.32 2.07 -11.22
CA ALA A 690 1.89 0.81 -10.65
C ALA A 690 0.53 0.96 -9.97
N ASN A 691 0.28 2.11 -9.34
CA ASN A 691 -1.03 2.36 -8.76
C ASN A 691 -2.11 2.44 -9.83
N SER A 692 -1.80 3.05 -10.98
CA SER A 692 -2.75 3.10 -12.09
C SER A 692 -3.06 1.71 -12.63
N VAL A 693 -2.03 0.87 -12.75
CA VAL A 693 -2.25 -0.51 -13.16
C VAL A 693 -3.16 -1.22 -12.15
N PHE A 694 -2.92 -1.00 -10.87
CA PHE A 694 -3.74 -1.62 -9.83
C PHE A 694 -5.18 -1.13 -9.90
N ASN A 695 -5.38 0.16 -10.18
CA ASN A 695 -6.72 0.72 -10.31
C ASN A 695 -7.46 0.11 -11.50
N ILE A 696 -6.78 0.00 -12.64
CA ILE A 696 -7.40 -0.62 -13.82
C ILE A 696 -7.70 -2.09 -13.54
N CYS A 697 -6.83 -2.76 -12.80
CA CYS A 697 -7.09 -4.14 -12.41
C CYS A 697 -8.36 -4.25 -11.57
N GLN A 698 -8.52 -3.36 -10.60
CA GLN A 698 -9.71 -3.44 -9.74
C GLN A 698 -10.96 -3.13 -10.53
N ALA A 699 -10.90 -2.18 -11.46
CA ALA A 699 -12.06 -1.88 -12.29
C ALA A 699 -12.42 -3.04 -13.20
N VAL A 700 -11.42 -3.68 -13.83
CA VAL A 700 -11.69 -4.82 -14.69
C VAL A 700 -12.24 -5.98 -13.89
N THR A 701 -11.72 -6.19 -12.67
CA THR A 701 -12.23 -7.25 -11.81
C THR A 701 -13.67 -6.98 -11.42
N ALA A 702 -14.00 -5.72 -11.13
CA ALA A 702 -15.38 -5.36 -10.83
C ALA A 702 -16.30 -5.66 -12.02
N ASN A 703 -15.85 -5.32 -13.23
CA ASN A 703 -16.65 -5.58 -14.41
C ASN A 703 -16.84 -7.08 -14.64
N VAL A 704 -15.78 -7.86 -14.44
CA VAL A 704 -15.88 -9.31 -14.62
C VAL A 704 -16.85 -9.90 -13.60
N ASN A 705 -16.75 -9.47 -12.34
CA ASN A 705 -17.65 -9.99 -11.31
C ASN A 705 -19.09 -9.58 -11.58
N ALA A 706 -19.30 -8.34 -12.05
CA ALA A 706 -20.65 -7.89 -12.37
C ALA A 706 -21.24 -8.69 -13.52
N LEU A 707 -20.46 -8.94 -14.56
CA LEU A 707 -20.98 -9.66 -15.72
C LEU A 707 -21.14 -11.15 -15.47
N LEU A 708 -20.37 -11.71 -14.54
CA LEU A 708 -20.47 -13.14 -14.26
C LEU A 708 -21.48 -13.46 -13.18
N SER A 709 -21.76 -12.53 -12.28
CA SER A 709 -22.76 -12.73 -11.23
C SER A 709 -24.16 -12.35 -11.68
N THR A 710 -24.33 -11.97 -12.93
CA THR A 710 -25.66 -11.75 -13.48
C THR A 710 -26.32 -13.08 -13.78
N ASP A 711 -27.65 -13.12 -13.66
CA ASP A 711 -28.39 -14.36 -13.85
C ASP A 711 -28.21 -14.93 -15.24
N GLY A 712 -27.91 -14.10 -16.23
CA GLY A 712 -27.67 -14.60 -17.58
C GLY A 712 -28.89 -15.02 -18.35
N ASN A 713 -29.76 -15.83 -17.73
CA ASN A 713 -31.01 -16.22 -18.38
C ASN A 713 -31.90 -15.01 -18.63
N LYS A 714 -31.95 -14.08 -17.67
CA LYS A 714 -32.80 -12.90 -17.81
C LYS A 714 -32.18 -11.82 -18.68
N ILE A 715 -30.92 -11.97 -19.09
CA ILE A 715 -30.31 -11.01 -20.00
C ILE A 715 -31.04 -11.07 -21.34
N ALA A 716 -31.60 -9.94 -21.77
CA ALA A 716 -32.37 -9.88 -23.00
C ALA A 716 -31.50 -9.67 -24.23
N ASP A 717 -30.22 -9.35 -24.06
CA ASP A 717 -29.31 -9.10 -25.17
C ASP A 717 -28.53 -10.38 -25.47
N LYS A 718 -28.65 -10.88 -26.70
CA LYS A 718 -27.96 -12.11 -27.05
C LYS A 718 -26.46 -11.91 -27.12
N TYR A 719 -26.02 -10.75 -27.58
CA TYR A 719 -24.58 -10.47 -27.64
C TYR A 719 -23.96 -10.48 -26.26
N VAL A 720 -24.64 -9.88 -25.28
CA VAL A 720 -24.10 -9.84 -23.91
C VAL A 720 -24.12 -11.23 -23.29
N ARG A 721 -25.17 -12.02 -23.56
CA ARG A 721 -25.21 -13.38 -23.04
C ARG A 721 -24.05 -14.22 -23.59
N ASN A 722 -23.78 -14.09 -24.90
CA ASN A 722 -22.67 -14.82 -25.48
C ASN A 722 -21.33 -14.30 -24.95
N LEU A 723 -21.23 -13.00 -24.71
CA LEU A 723 -20.01 -12.45 -24.13
C LEU A 723 -19.78 -13.00 -22.73
N GLN A 724 -20.84 -13.15 -21.94
CA GLN A 724 -20.70 -13.72 -20.61
C GLN A 724 -20.29 -15.19 -20.68
N HIS A 725 -20.89 -15.95 -21.60
CA HIS A 725 -20.53 -17.36 -21.74
C HIS A 725 -19.06 -17.49 -22.12
N ARG A 726 -18.61 -16.68 -23.08
CA ARG A 726 -17.20 -16.74 -23.47
C ARG A 726 -16.28 -16.16 -22.42
N LEU A 727 -16.77 -15.25 -21.56
CA LEU A 727 -15.96 -14.77 -20.45
C LEU A 727 -15.69 -15.89 -19.46
N TYR A 728 -16.72 -16.64 -19.09
CA TYR A 728 -16.49 -17.79 -18.22
C TYR A 728 -15.58 -18.81 -18.89
N GLU A 729 -15.78 -19.05 -20.19
CA GLU A 729 -14.94 -20.00 -20.91
C GLU A 729 -13.47 -19.58 -20.87
N CYS A 730 -13.18 -18.35 -21.29
CA CYS A 730 -11.82 -17.85 -21.32
C CYS A 730 -11.25 -17.63 -19.92
N LEU A 731 -12.09 -17.66 -18.89
CA LEU A 731 -11.62 -17.41 -17.53
C LEU A 731 -11.25 -18.71 -16.83
N TYR A 732 -12.20 -19.63 -16.68
CA TYR A 732 -11.99 -20.84 -15.89
C TYR A 732 -11.89 -22.11 -16.72
N ARG A 733 -11.74 -22.00 -18.05
CA ARG A 733 -11.68 -23.20 -18.87
C ARG A 733 -10.48 -23.22 -19.79
N ASN A 734 -10.01 -22.05 -20.21
CA ASN A 734 -8.89 -21.95 -21.14
C ASN A 734 -7.61 -21.64 -20.38
N ARG A 735 -6.58 -22.46 -20.62
CA ARG A 735 -5.29 -22.25 -19.95
C ARG A 735 -4.43 -21.24 -20.70
N ASP A 736 -4.37 -21.34 -22.02
CA ASP A 736 -3.60 -20.39 -22.81
C ASP A 736 -4.42 -19.15 -23.12
N VAL A 737 -3.72 -18.07 -23.45
CA VAL A 737 -4.37 -16.79 -23.68
C VAL A 737 -5.22 -16.86 -24.95
N ASP A 738 -6.33 -16.13 -24.95
CA ASP A 738 -7.21 -15.99 -26.11
C ASP A 738 -7.21 -14.51 -26.48
N THR A 739 -6.37 -14.16 -27.46
CA THR A 739 -6.21 -12.74 -27.81
C THR A 739 -7.47 -12.16 -28.44
N ASP A 740 -8.20 -12.97 -29.20
CA ASP A 740 -9.42 -12.46 -29.85
C ASP A 740 -10.46 -12.05 -28.82
N PHE A 741 -10.72 -12.92 -27.83
CA PHE A 741 -11.73 -12.57 -26.84
C PHE A 741 -11.23 -11.48 -25.89
N VAL A 742 -9.92 -11.42 -25.64
CA VAL A 742 -9.40 -10.32 -24.85
C VAL A 742 -9.64 -9.00 -25.57
N ASN A 743 -9.41 -8.97 -26.89
CA ASN A 743 -9.70 -7.77 -27.67
C ASN A 743 -11.19 -7.43 -27.64
N GLU A 744 -12.04 -8.44 -27.76
CA GLU A 744 -13.47 -8.20 -27.75
C GLU A 744 -13.95 -7.65 -26.41
N PHE A 745 -13.47 -8.22 -25.30
CA PHE A 745 -13.87 -7.72 -23.98
C PHE A 745 -13.30 -6.34 -23.73
N TYR A 746 -12.08 -6.07 -24.20
CA TYR A 746 -11.53 -4.73 -24.08
C TYR A 746 -12.38 -3.72 -24.83
N ALA A 747 -12.83 -4.06 -26.04
CA ALA A 747 -13.70 -3.17 -26.79
C ALA A 747 -15.05 -2.98 -26.10
N TYR A 748 -15.60 -4.07 -25.55
CA TYR A 748 -16.86 -3.98 -24.81
C TYR A 748 -16.74 -3.01 -23.65
N LEU A 749 -15.68 -3.14 -22.86
CA LEU A 749 -15.47 -2.23 -21.74
C LEU A 749 -15.27 -0.80 -22.25
N ARG A 750 -14.39 -0.61 -23.24
CA ARG A 750 -14.13 0.74 -23.72
C ARG A 750 -15.38 1.41 -24.27
N LYS A 751 -16.37 0.63 -24.72
CA LYS A 751 -17.63 1.22 -25.14
C LYS A 751 -18.52 1.53 -23.95
N HIS A 752 -18.77 0.54 -23.10
CA HIS A 752 -19.73 0.69 -22.02
C HIS A 752 -19.11 1.08 -20.68
N PHE A 753 -17.80 1.32 -20.62
CA PHE A 753 -17.13 1.64 -19.37
C PHE A 753 -15.88 2.46 -19.73
N SER A 754 -16.01 3.78 -19.70
CA SER A 754 -14.91 4.67 -20.08
C SER A 754 -14.28 5.20 -18.80
N MET A 755 -12.98 4.93 -18.63
CA MET A 755 -12.30 5.22 -17.39
C MET A 755 -11.31 6.35 -17.58
N MET A 756 -11.21 7.19 -16.55
CA MET A 756 -10.19 8.23 -16.44
C MET A 756 -9.47 7.97 -15.13
N ILE A 757 -8.21 7.57 -15.20
CA ILE A 757 -7.46 7.01 -14.09
C ILE A 757 -6.25 7.88 -13.79
N LEU A 758 -6.09 8.31 -12.54
CA LEU A 758 -4.80 8.81 -12.06
C LEU A 758 -4.51 8.12 -10.72
N SER A 759 -4.02 6.89 -10.82
CA SER A 759 -3.23 6.17 -9.82
C SER A 759 -3.97 5.91 -8.51
N ASP A 760 -4.95 6.74 -8.20
CA ASP A 760 -5.93 6.42 -7.16
C ASP A 760 -7.31 6.94 -7.49
N ASP A 761 -7.43 7.98 -8.30
CA ASP A 761 -8.68 8.70 -8.45
C ASP A 761 -9.19 8.42 -9.85
N ALA A 762 -10.41 7.91 -9.94
CA ALA A 762 -10.97 7.41 -11.18
C ALA A 762 -12.35 7.98 -11.39
N VAL A 763 -12.65 8.32 -12.64
CA VAL A 763 -13.99 8.69 -13.08
C VAL A 763 -14.43 7.70 -14.13
N VAL A 764 -15.60 7.13 -13.96
CA VAL A 764 -16.13 6.13 -14.89
C VAL A 764 -17.41 6.69 -15.51
N CYS A 765 -17.42 6.80 -16.83
CA CYS A 765 -18.64 7.06 -17.58
C CYS A 765 -19.16 5.73 -18.10
N PHE A 766 -20.36 5.36 -17.69
CA PHE A 766 -20.88 4.05 -18.00
C PHE A 766 -22.33 4.14 -18.47
N ASN A 767 -22.68 3.22 -19.37
CA ASN A 767 -24.04 3.06 -19.83
C ASN A 767 -24.91 2.66 -18.64
N SER A 768 -25.80 3.56 -18.22
CA SER A 768 -26.56 3.34 -17.00
C SER A 768 -27.52 2.17 -17.14
N THR A 769 -28.10 1.97 -18.33
CA THR A 769 -29.01 0.86 -18.54
C THR A 769 -28.32 -0.47 -18.31
N TYR A 770 -27.11 -0.62 -18.84
CA TYR A 770 -26.38 -1.87 -18.68
C TYR A 770 -26.02 -2.14 -17.23
N ALA A 771 -25.56 -1.12 -16.51
CA ALA A 771 -25.23 -1.30 -15.10
C ALA A 771 -26.47 -1.64 -14.28
N SER A 772 -27.59 -0.97 -14.56
CA SER A 772 -28.82 -1.27 -13.86
C SER A 772 -29.33 -2.68 -14.17
N GLN A 773 -29.02 -3.20 -15.37
CA GLN A 773 -29.33 -4.59 -15.69
C GLN A 773 -28.35 -5.58 -15.07
N GLY A 774 -27.17 -5.13 -14.67
CA GLY A 774 -26.17 -6.03 -14.14
C GLY A 774 -25.13 -6.51 -15.13
N LEU A 775 -24.96 -5.82 -16.25
CA LEU A 775 -23.95 -6.16 -17.25
C LEU A 775 -22.66 -5.36 -17.09
N VAL A 776 -22.61 -4.46 -16.12
CA VAL A 776 -21.50 -3.53 -15.96
C VAL A 776 -21.33 -3.26 -14.47
N ALA A 777 -20.09 -2.95 -14.07
CA ALA A 777 -19.80 -2.72 -12.66
C ALA A 777 -20.59 -1.54 -12.11
N SER A 778 -21.00 -1.67 -10.86
CA SER A 778 -21.65 -0.60 -10.10
C SER A 778 -20.77 -0.28 -8.89
N ILE A 779 -21.31 0.54 -7.98
CA ILE A 779 -20.60 0.82 -6.74
C ILE A 779 -20.53 -0.41 -5.86
N LYS A 780 -21.62 -1.19 -5.81
CA LYS A 780 -21.62 -2.39 -4.97
C LYS A 780 -20.61 -3.42 -5.46
N ASN A 781 -20.38 -3.48 -6.77
CA ASN A 781 -19.38 -4.42 -7.30
C ASN A 781 -17.98 -4.01 -6.87
N PHE A 782 -17.68 -2.71 -6.90
CA PHE A 782 -16.40 -2.24 -6.40
C PHE A 782 -16.25 -2.49 -4.92
N LYS A 783 -17.32 -2.31 -4.14
CA LYS A 783 -17.27 -2.59 -2.71
C LYS A 783 -16.93 -4.06 -2.47
N SER A 784 -17.59 -4.96 -3.19
CA SER A 784 -17.31 -6.37 -3.03
C SER A 784 -15.87 -6.71 -3.44
N VAL A 785 -15.39 -6.12 -4.53
CA VAL A 785 -14.05 -6.43 -5.02
C VAL A 785 -13.00 -5.98 -4.03
N LEU A 786 -13.12 -4.74 -3.52
CA LEU A 786 -12.18 -4.30 -2.50
C LEU A 786 -12.33 -5.05 -1.20
N TYR A 787 -13.51 -5.61 -0.90
CA TYR A 787 -13.63 -6.40 0.32
C TYR A 787 -12.87 -7.71 0.20
N TYR A 788 -13.05 -8.44 -0.89
CA TYR A 788 -12.50 -9.79 -0.94
C TYR A 788 -11.10 -9.86 -1.56
N GLN A 789 -10.58 -8.77 -2.12
CA GLN A 789 -9.19 -8.74 -2.55
C GLN A 789 -8.36 -7.75 -1.75
N ASN A 790 -8.74 -6.48 -1.72
CA ASN A 790 -7.94 -5.47 -1.05
C ASN A 790 -7.99 -5.58 0.47
N ASN A 791 -8.89 -6.41 1.01
CA ASN A 791 -9.06 -6.54 2.46
C ASN A 791 -9.35 -5.20 3.11
N VAL A 792 -10.37 -4.51 2.60
CA VAL A 792 -10.77 -3.22 3.13
C VAL A 792 -12.23 -3.00 2.76
N PHE A 793 -12.95 -2.27 3.61
CA PHE A 793 -14.35 -1.96 3.37
C PHE A 793 -14.48 -0.56 2.79
N MET A 794 -15.17 -0.47 1.66
CA MET A 794 -15.38 0.81 0.97
C MET A 794 -16.80 1.29 1.23
N SER A 795 -16.91 2.51 1.74
CA SER A 795 -18.19 3.07 2.17
C SER A 795 -18.77 3.98 1.09
N GLU A 796 -20.11 4.03 1.05
CA GLU A 796 -20.81 4.84 0.07
C GLU A 796 -20.66 6.33 0.31
N ALA A 797 -20.14 6.74 1.46
CA ALA A 797 -19.93 8.16 1.70
C ALA A 797 -18.86 8.74 0.79
N LYS A 798 -17.79 7.97 0.55
CA LYS A 798 -16.64 8.46 -0.20
C LYS A 798 -16.68 8.08 -1.68
N CYS A 799 -17.72 7.37 -2.13
CA CYS A 799 -17.90 7.07 -3.55
C CYS A 799 -19.22 7.66 -4.00
N TRP A 800 -19.21 8.27 -5.18
CA TRP A 800 -20.32 9.10 -5.64
C TRP A 800 -20.77 8.67 -7.02
N THR A 801 -21.98 9.10 -7.38
CA THR A 801 -22.53 8.92 -8.71
C THR A 801 -23.18 10.21 -9.18
N GLU A 802 -23.24 10.39 -10.50
CA GLU A 802 -23.78 11.59 -11.11
C GLU A 802 -24.63 11.19 -12.31
N THR A 803 -25.84 11.75 -12.38
CA THR A 803 -26.78 11.38 -13.43
C THR A 803 -26.71 12.31 -14.63
N ASP A 804 -26.67 13.63 -14.41
CA ASP A 804 -26.61 14.61 -15.48
C ASP A 804 -25.15 14.92 -15.78
N LEU A 805 -24.76 14.77 -17.04
CA LEU A 805 -23.38 15.02 -17.43
C LEU A 805 -23.03 16.49 -17.38
N THR A 806 -24.01 17.38 -17.47
CA THR A 806 -23.72 18.81 -17.49
C THR A 806 -23.05 19.26 -16.21
N LYS A 807 -23.49 18.71 -15.07
CA LYS A 807 -22.84 19.02 -13.80
C LYS A 807 -21.42 18.45 -13.76
N GLY A 808 -21.18 17.34 -14.43
CA GLY A 808 -19.86 16.75 -14.50
C GLY A 808 -19.55 15.91 -13.29
N PRO A 809 -18.30 15.42 -13.21
CA PRO A 809 -17.88 14.66 -12.04
C PRO A 809 -17.98 15.46 -10.75
N HIS A 810 -18.40 14.79 -9.68
CA HIS A 810 -18.50 15.43 -8.37
C HIS A 810 -17.12 15.82 -7.85
N GLU A 811 -16.13 14.95 -8.01
CA GLU A 811 -14.77 15.27 -7.60
C GLU A 811 -13.81 14.38 -8.38
N PHE A 812 -12.73 14.99 -8.88
CA PHE A 812 -11.65 14.25 -9.53
C PHE A 812 -10.36 15.01 -9.25
N CYS A 813 -9.37 14.31 -8.69
CA CYS A 813 -8.12 14.94 -8.25
C CYS A 813 -8.41 16.09 -7.30
N SER A 814 -9.38 15.88 -6.41
CA SER A 814 -9.81 16.88 -5.44
C SER A 814 -10.27 18.17 -6.13
N GLN A 815 -10.88 18.04 -7.31
CA GLN A 815 -11.34 19.17 -8.10
C GLN A 815 -12.79 18.91 -8.48
N HIS A 816 -13.68 19.85 -8.19
CA HIS A 816 -15.00 19.79 -8.78
C HIS A 816 -14.96 20.40 -10.17
N THR A 817 -16.01 20.15 -10.95
CA THR A 817 -16.06 20.63 -12.32
C THR A 817 -17.41 21.27 -12.59
N MET A 818 -17.42 22.16 -13.57
CA MET A 818 -18.63 22.91 -13.88
C MET A 818 -18.63 23.34 -15.35
N LEU A 819 -19.81 23.28 -15.96
CA LEU A 819 -19.97 23.64 -17.37
C LEU A 819 -20.30 25.12 -17.48
N VAL A 820 -19.45 25.87 -18.18
CA VAL A 820 -19.62 27.31 -18.34
C VAL A 820 -19.58 27.65 -19.82
N LYS A 821 -19.87 28.91 -20.13
CA LYS A 821 -19.85 29.42 -21.49
C LYS A 821 -18.71 30.42 -21.64
N GLN A 822 -17.84 30.17 -22.62
CA GLN A 822 -16.84 31.16 -23.04
C GLN A 822 -16.58 30.96 -24.52
N GLY A 823 -16.44 32.06 -25.24
CA GLY A 823 -16.26 32.01 -26.68
C GLY A 823 -17.40 31.33 -27.41
N ASP A 824 -18.63 31.52 -26.94
CA ASP A 824 -19.81 30.83 -27.45
C ASP A 824 -19.67 29.30 -27.38
N ASP A 825 -18.84 28.80 -26.47
CA ASP A 825 -18.60 27.38 -26.34
C ASP A 825 -18.79 26.96 -24.88
N TYR A 826 -19.44 25.81 -24.69
CA TYR A 826 -19.68 25.28 -23.35
C TYR A 826 -18.52 24.36 -22.98
N VAL A 827 -17.70 24.79 -22.02
CA VAL A 827 -16.51 24.06 -21.63
C VAL A 827 -16.62 23.67 -20.16
N TYR A 828 -15.83 22.67 -19.78
CA TYR A 828 -15.78 22.18 -18.41
C TYR A 828 -14.57 22.76 -17.70
N LEU A 829 -14.80 23.54 -16.66
CA LEU A 829 -13.71 24.11 -15.88
C LEU A 829 -13.62 23.42 -14.54
N PRO A 830 -12.42 23.07 -14.09
CA PRO A 830 -12.25 22.52 -12.74
C PRO A 830 -11.92 23.59 -11.70
N TYR A 831 -12.67 23.61 -10.60
CA TYR A 831 -12.39 24.49 -9.48
C TYR A 831 -12.19 23.66 -8.22
N PRO A 832 -11.35 24.13 -7.30
CA PRO A 832 -11.12 23.36 -6.07
C PRO A 832 -12.07 23.74 -4.96
N ASP A 833 -11.97 23.06 -3.82
CA ASP A 833 -12.68 23.51 -2.62
C ASP A 833 -12.05 24.81 -2.14
N PRO A 834 -12.82 25.91 -2.03
CA PRO A 834 -12.20 27.19 -1.66
C PRO A 834 -11.58 27.19 -0.28
N SER A 835 -12.05 26.32 0.62
CA SER A 835 -11.43 26.22 1.94
C SER A 835 -9.98 25.78 1.83
N ARG A 836 -9.67 24.89 0.88
CA ARG A 836 -8.30 24.46 0.67
C ARG A 836 -7.41 25.63 0.26
N ILE A 837 -7.89 26.44 -0.69
CA ILE A 837 -7.08 27.57 -1.17
C ILE A 837 -6.93 28.61 -0.08
N LEU A 838 -8.01 28.89 0.67
CA LEU A 838 -7.92 29.86 1.77
C LEU A 838 -6.95 29.37 2.84
N GLY A 839 -7.00 28.08 3.19
CA GLY A 839 -6.06 27.55 4.16
C GLY A 839 -4.63 27.61 3.67
N ALA A 840 -4.39 27.28 2.41
CA ALA A 840 -3.05 27.39 1.84
C ALA A 840 -2.55 28.81 1.92
N GLY A 841 -3.42 29.78 1.67
CA GLY A 841 -3.01 31.17 1.82
C GLY A 841 -2.71 31.56 3.26
N CYS A 842 -3.57 31.12 4.19
CA CYS A 842 -3.42 31.55 5.58
C CYS A 842 -2.27 30.83 6.29
N PHE A 843 -2.13 29.53 6.07
CA PHE A 843 -1.20 28.71 6.83
C PHE A 843 -0.04 28.30 5.93
N VAL A 844 1.17 28.64 6.34
CA VAL A 844 2.36 28.53 5.50
C VAL A 844 3.28 27.47 6.09
N ASP A 845 4.08 26.86 5.21
CA ASP A 845 5.00 25.80 5.64
C ASP A 845 6.13 26.35 6.49
N ASP A 846 6.78 27.42 6.01
CA ASP A 846 7.89 28.05 6.72
C ASP A 846 7.62 29.54 6.86
N ILE A 847 8.24 30.14 7.89
CA ILE A 847 8.00 31.55 8.17
C ILE A 847 8.61 32.45 7.10
N VAL A 848 9.60 31.97 6.36
CA VAL A 848 10.25 32.81 5.35
C VAL A 848 9.25 33.18 4.26
N LYS A 849 8.29 32.30 3.97
CA LYS A 849 7.25 32.60 2.99
C LYS A 849 6.16 33.50 3.54
N THR A 850 6.40 34.18 4.66
CA THR A 850 5.48 35.19 5.17
C THR A 850 5.87 36.60 4.76
N ASP A 851 7.12 36.80 4.32
CA ASP A 851 7.57 38.10 3.84
C ASP A 851 8.54 37.91 2.69
N GLY A 852 8.45 38.79 1.71
CA GLY A 852 9.33 38.79 0.55
C GLY A 852 8.57 38.70 -0.75
N THR A 853 9.33 38.57 -1.84
CA THR A 853 8.74 38.40 -3.16
C THR A 853 8.04 37.05 -3.30
N LEU A 854 8.51 36.05 -2.55
CA LEU A 854 8.05 34.67 -2.75
C LEU A 854 6.54 34.57 -2.73
N MET A 855 5.90 35.22 -1.74
CA MET A 855 4.45 35.14 -1.61
C MET A 855 3.76 35.45 -2.93
N ILE A 856 4.21 36.49 -3.64
CA ILE A 856 3.61 36.85 -4.92
C ILE A 856 3.44 35.61 -5.78
N GLU A 857 4.57 34.94 -6.09
CA GLU A 857 4.47 33.76 -6.95
C GLU A 857 3.53 32.74 -6.36
N ARG A 858 3.67 32.48 -5.05
CA ARG A 858 2.78 31.54 -4.39
C ARG A 858 1.33 31.92 -4.63
N PHE A 859 0.98 33.17 -4.36
CA PHE A 859 -0.40 33.56 -4.50
C PHE A 859 -0.84 33.55 -5.96
N VAL A 860 0.09 33.83 -6.88
CA VAL A 860 -0.24 33.68 -8.29
C VAL A 860 -0.67 32.25 -8.56
N SER A 861 0.11 31.29 -8.09
CA SER A 861 -0.21 29.90 -8.34
C SER A 861 -1.43 29.46 -7.54
N LEU A 862 -1.90 30.30 -6.61
CA LEU A 862 -3.16 30.02 -5.95
C LEU A 862 -4.32 30.74 -6.65
N ALA A 863 -4.04 31.91 -7.24
CA ALA A 863 -5.08 32.61 -7.99
C ALA A 863 -5.34 31.93 -9.33
N ILE A 864 -4.32 31.30 -9.91
CA ILE A 864 -4.50 30.54 -11.13
C ILE A 864 -5.45 29.37 -10.90
N ASP A 865 -5.31 28.71 -9.77
CA ASP A 865 -6.14 27.54 -9.45
C ASP A 865 -7.49 27.91 -8.86
N ALA A 866 -7.74 29.20 -8.61
CA ALA A 866 -9.01 29.66 -8.07
C ALA A 866 -9.77 30.57 -9.02
N TYR A 867 -9.31 30.72 -10.26
CA TYR A 867 -10.07 31.50 -11.23
C TYR A 867 -11.43 30.90 -11.55
N PRO A 868 -11.58 29.58 -11.78
CA PRO A 868 -12.90 29.06 -12.14
C PRO A 868 -13.99 29.39 -11.13
N LEU A 869 -13.66 29.50 -9.85
CA LEU A 869 -14.66 29.85 -8.85
C LEU A 869 -15.39 31.14 -9.20
N THR A 870 -14.86 31.95 -10.11
CA THR A 870 -15.53 33.17 -10.53
C THR A 870 -16.88 32.88 -11.16
N LYS A 871 -16.98 31.78 -11.91
CA LYS A 871 -18.21 31.43 -12.61
C LYS A 871 -19.17 30.62 -11.75
N HIS A 872 -18.82 30.31 -10.50
CA HIS A 872 -19.73 29.58 -9.64
C HIS A 872 -20.92 30.47 -9.27
N PRO A 873 -22.11 29.89 -9.14
CA PRO A 873 -23.27 30.71 -8.75
C PRO A 873 -23.13 31.37 -7.39
N ASN A 874 -22.46 30.72 -6.43
CA ASN A 874 -22.30 31.29 -5.11
C ASN A 874 -21.41 32.53 -5.16
N GLN A 875 -21.84 33.60 -4.49
CA GLN A 875 -21.06 34.83 -4.51
C GLN A 875 -19.82 34.72 -3.64
N GLU A 876 -19.83 33.84 -2.63
CA GLU A 876 -18.64 33.65 -1.81
C GLU A 876 -17.52 32.99 -2.60
N TYR A 877 -17.85 31.95 -3.38
CA TYR A 877 -16.82 31.28 -4.17
C TYR A 877 -16.24 32.24 -5.20
N ALA A 878 -17.10 33.04 -5.84
CA ALA A 878 -16.62 34.03 -6.80
C ALA A 878 -15.77 35.09 -6.11
N ASP A 879 -16.13 35.46 -4.88
CA ASP A 879 -15.39 36.48 -4.17
C ASP A 879 -14.05 35.97 -3.67
N VAL A 880 -13.87 34.64 -3.57
CA VAL A 880 -12.56 34.09 -3.24
C VAL A 880 -11.52 34.56 -4.24
N PHE A 881 -11.84 34.48 -5.53
CA PHE A 881 -10.91 34.87 -6.58
C PHE A 881 -10.56 36.35 -6.49
N HIS A 882 -11.56 37.21 -6.31
CA HIS A 882 -11.29 38.64 -6.21
C HIS A 882 -10.53 38.98 -4.94
N LEU A 883 -10.77 38.24 -3.85
CA LEU A 883 -9.94 38.33 -2.67
C LEU A 883 -8.48 38.09 -3.01
N TYR A 884 -8.21 36.99 -3.73
CA TYR A 884 -6.82 36.66 -4.06
C TYR A 884 -6.19 37.73 -4.95
N LEU A 885 -6.96 38.25 -5.91
CA LEU A 885 -6.41 39.28 -6.80
C LEU A 885 -6.15 40.59 -6.05
N GLN A 886 -7.08 41.02 -5.20
CA GLN A 886 -6.85 42.21 -4.40
C GLN A 886 -5.68 42.03 -3.46
N TYR A 887 -5.51 40.82 -2.93
CA TYR A 887 -4.37 40.54 -2.07
C TYR A 887 -3.06 40.65 -2.84
N ILE A 888 -3.02 40.09 -4.05
CA ILE A 888 -1.82 40.18 -4.87
C ILE A 888 -1.50 41.64 -5.18
N ARG A 889 -2.54 42.43 -5.48
CA ARG A 889 -2.34 43.84 -5.72
C ARG A 889 -1.80 44.55 -4.48
N LYS A 890 -2.31 44.19 -3.30
CA LYS A 890 -1.85 44.84 -2.07
C LYS A 890 -0.40 44.48 -1.75
N LEU A 891 -0.03 43.20 -1.93
CA LEU A 891 1.38 42.83 -1.77
C LEU A 891 2.26 43.59 -2.74
N HIS A 892 1.83 43.71 -3.99
CA HIS A 892 2.64 44.45 -4.96
C HIS A 892 2.77 45.91 -4.57
N ASP A 893 1.69 46.51 -4.05
CA ASP A 893 1.77 47.89 -3.59
C ASP A 893 2.73 48.02 -2.41
N GLU A 894 2.70 47.06 -1.49
CA GLU A 894 3.61 47.10 -0.34
C GLU A 894 5.06 46.95 -0.78
N LEU A 895 5.32 46.08 -1.76
CA LEU A 895 6.70 45.87 -2.21
C LEU A 895 7.30 47.14 -2.79
N THR A 896 6.51 47.89 -3.56
CA THR A 896 6.97 49.13 -4.15
C THR A 896 7.21 50.20 -3.09
N ASP A 910 4.25 47.91 -16.13
CA ASP A 910 3.58 47.50 -17.37
C ASP A 910 3.55 45.98 -17.48
N ASN A 911 4.69 45.35 -17.20
CA ASN A 911 4.79 43.90 -17.24
C ASN A 911 4.21 43.27 -15.98
N THR A 912 4.03 44.05 -14.92
CA THR A 912 3.58 43.48 -13.65
C THR A 912 2.07 43.52 -13.47
N SER A 913 1.40 44.53 -14.06
CA SER A 913 -0.05 44.63 -13.89
C SER A 913 -0.78 43.39 -14.37
N ARG A 914 -0.18 42.65 -15.30
CA ARG A 914 -0.76 41.45 -15.87
C ARG A 914 -0.79 40.28 -14.90
N TYR A 915 -0.20 40.42 -13.70
CA TYR A 915 -0.41 39.39 -12.67
C TYR A 915 -1.81 39.51 -12.05
N TRP A 916 -2.28 40.73 -11.76
CA TRP A 916 -3.50 40.89 -11.00
C TRP A 916 -4.72 41.22 -11.87
N GLU A 917 -4.62 41.04 -13.19
CA GLU A 917 -5.83 41.18 -13.99
C GLU A 917 -6.43 39.79 -14.29
N PRO A 918 -7.76 39.70 -14.40
CA PRO A 918 -8.38 38.39 -14.65
C PRO A 918 -8.06 37.80 -16.02
N GLU A 919 -7.52 38.59 -16.95
CA GLU A 919 -7.19 38.05 -18.27
C GLU A 919 -6.08 37.00 -18.19
N PHE A 920 -5.10 37.22 -17.32
CA PHE A 920 -4.03 36.24 -17.11
C PHE A 920 -4.59 34.87 -16.80
N TYR A 921 -5.47 34.79 -15.81
CA TYR A 921 -6.01 33.50 -15.38
C TYR A 921 -7.11 33.00 -16.32
N GLU A 922 -7.74 33.89 -17.06
CA GLU A 922 -8.69 33.46 -18.09
C GLU A 922 -7.97 32.77 -19.24
N ALA A 923 -6.78 33.27 -19.61
CA ALA A 923 -6.07 32.75 -20.76
C ALA A 923 -5.59 31.32 -20.57
N MET A 924 -5.50 30.83 -19.35
CA MET A 924 -5.01 29.48 -19.09
C MET A 924 -6.12 28.43 -19.06
N TYR A 925 -7.34 28.81 -19.39
CA TYR A 925 -8.41 27.84 -19.54
C TYR A 925 -9.03 27.86 -20.93
N THR A 926 -8.52 28.71 -21.83
CA THR A 926 -8.82 28.70 -23.26
C THR A 926 -7.90 27.71 -23.97
N PRO A 927 -8.42 26.78 -24.76
CA PRO A 927 -7.61 25.67 -25.26
C PRO A 927 -6.64 26.02 -26.38
N HIS A 928 -6.37 27.31 -26.63
CA HIS A 928 -5.49 27.67 -27.74
C HIS A 928 -4.07 27.16 -27.51
N THR A 929 -3.53 27.33 -26.32
CA THR A 929 -2.16 26.92 -26.04
C THR A 929 -2.11 25.58 -25.31
N GLU B 96 36.41 13.75 -9.49
CA GLU B 96 37.06 12.53 -9.04
C GLU B 96 37.38 12.58 -7.54
N ASP B 97 37.70 13.79 -7.06
CA ASP B 97 38.02 13.96 -5.65
C ASP B 97 36.82 13.62 -4.77
N LYS B 98 35.62 14.04 -5.17
CA LYS B 98 34.42 13.69 -4.43
C LYS B 98 34.17 12.19 -4.45
N ARG B 99 34.44 11.55 -5.59
CA ARG B 99 34.33 10.09 -5.65
C ARG B 99 35.29 9.43 -4.67
N ALA B 100 36.52 9.92 -4.60
CA ALA B 100 37.50 9.37 -3.67
C ALA B 100 37.04 9.57 -2.23
N LYS B 101 36.50 10.74 -1.91
CA LYS B 101 36.01 11.00 -0.56
C LYS B 101 34.88 10.05 -0.20
N VAL B 102 33.93 9.86 -1.11
CA VAL B 102 32.78 8.99 -0.81
C VAL B 102 33.24 7.54 -0.65
N THR B 103 34.13 7.07 -1.52
CA THR B 103 34.65 5.72 -1.38
C THR B 103 35.38 5.54 -0.05
N SER B 104 36.20 6.53 0.33
CA SER B 104 36.94 6.45 1.59
C SER B 104 35.98 6.41 2.77
N ALA B 105 34.94 7.25 2.73
CA ALA B 105 33.97 7.27 3.82
C ALA B 105 33.23 5.95 3.93
N MET B 106 32.82 5.39 2.80
CA MET B 106 32.07 4.14 2.82
C MET B 106 32.94 2.99 3.30
N GLN B 107 34.20 2.94 2.85
CA GLN B 107 35.13 1.92 3.34
C GLN B 107 35.38 2.07 4.82
N THR B 108 35.56 3.30 5.30
CA THR B 108 35.77 3.53 6.73
C THR B 108 34.56 3.10 7.54
N MET B 109 33.35 3.40 7.05
CA MET B 109 32.15 3.01 7.77
C MET B 109 32.03 1.50 7.84
N LEU B 110 32.26 0.82 6.71
CA LEU B 110 32.19 -0.64 6.70
C LEU B 110 33.23 -1.25 7.63
N PHE B 111 34.46 -0.74 7.61
CA PHE B 111 35.51 -1.29 8.47
C PHE B 111 35.20 -1.07 9.93
N THR B 112 34.89 0.17 10.32
CA THR B 112 34.66 0.49 11.73
C THR B 112 33.45 -0.26 12.26
N MET B 113 32.39 -0.36 11.46
CA MET B 113 31.22 -1.11 11.88
C MET B 113 31.47 -2.62 11.86
N LEU B 114 32.40 -3.09 11.04
CA LEU B 114 32.82 -4.48 11.09
C LEU B 114 33.60 -4.76 12.37
N ARG B 115 34.29 -3.75 12.91
CA ARG B 115 34.93 -3.91 14.21
C ARG B 115 33.90 -4.25 15.29
N LYS B 116 32.75 -3.58 15.26
CA LYS B 116 31.65 -3.85 16.18
C LYS B 116 31.02 -5.22 15.97
N LEU B 117 31.31 -5.88 14.84
CA LEU B 117 30.68 -7.13 14.48
C LEU B 117 31.44 -8.29 15.10
N ASP B 118 30.74 -9.12 15.88
CA ASP B 118 31.37 -10.18 16.68
C ASP B 118 31.36 -11.50 15.93
N ASN B 119 32.52 -12.17 15.92
CA ASN B 119 32.69 -13.44 15.25
C ASN B 119 32.63 -14.63 16.18
N ASP B 120 32.41 -14.41 17.48
CA ASP B 120 32.39 -15.52 18.43
C ASP B 120 31.21 -16.45 18.18
N ALA B 121 30.00 -15.89 18.08
CA ALA B 121 28.81 -16.68 17.83
C ALA B 121 28.44 -16.72 16.36
N LEU B 122 28.90 -15.74 15.59
CA LEU B 122 28.67 -15.76 14.14
C LEU B 122 29.32 -16.99 13.51
N ASN B 123 30.54 -17.31 13.93
CA ASN B 123 31.21 -18.50 13.38
C ASN B 123 30.40 -19.75 13.67
N ASN B 124 29.90 -19.88 14.91
CA ASN B 124 29.15 -21.07 15.28
C ASN B 124 27.83 -21.16 14.50
N ILE B 125 27.13 -20.04 14.33
CA ILE B 125 25.85 -20.12 13.63
C ILE B 125 26.05 -20.35 12.13
N ILE B 126 27.13 -19.81 11.55
CA ILE B 126 27.46 -20.15 10.17
C ILE B 126 27.77 -21.63 10.05
N ASN B 127 28.54 -22.17 11.00
CA ASN B 127 28.89 -23.59 10.96
C ASN B 127 27.66 -24.48 11.14
N ASN B 128 26.67 -24.02 11.90
CA ASN B 128 25.42 -24.78 12.03
C ASN B 128 24.68 -24.87 10.70
N ALA B 129 25.00 -24.01 9.74
CA ALA B 129 24.37 -24.04 8.43
C ALA B 129 25.25 -24.83 7.47
N ARG B 130 24.64 -25.81 6.79
CA ARG B 130 25.40 -26.68 5.89
C ARG B 130 25.93 -25.89 4.68
N ASP B 131 25.11 -25.01 4.11
CA ASP B 131 25.52 -24.22 2.96
C ASP B 131 26.32 -22.98 3.34
N GLY B 132 26.33 -22.60 4.62
CA GLY B 132 27.04 -21.42 5.05
C GLY B 132 26.25 -20.13 4.95
N CYS B 133 25.02 -20.18 4.46
CA CYS B 133 24.16 -19.00 4.34
C CYS B 133 23.11 -19.04 5.45
N VAL B 134 22.91 -17.89 6.09
CA VAL B 134 21.96 -17.79 7.20
C VAL B 134 21.04 -16.61 6.95
N PRO B 135 19.81 -16.63 7.47
CA PRO B 135 18.94 -15.45 7.35
C PRO B 135 19.54 -14.26 8.08
N LEU B 136 19.25 -13.06 7.57
CA LEU B 136 19.74 -11.85 8.23
C LEU B 136 19.04 -11.63 9.57
N ASN B 137 17.76 -11.98 9.67
CA ASN B 137 16.99 -11.73 10.88
C ASN B 137 17.49 -12.54 12.06
N ILE B 138 18.34 -13.54 11.83
CA ILE B 138 18.80 -14.41 12.91
C ILE B 138 20.07 -13.87 13.56
N ILE B 139 20.85 -13.07 12.85
CA ILE B 139 22.12 -12.58 13.40
C ILE B 139 21.91 -11.72 14.64
N PRO B 140 21.00 -10.73 14.65
CA PRO B 140 20.77 -10.00 15.92
C PRO B 140 20.29 -10.88 17.05
N LEU B 141 19.45 -11.88 16.77
CA LEU B 141 18.91 -12.71 17.84
C LEU B 141 20.00 -13.53 18.52
N THR B 142 20.93 -14.08 17.74
CA THR B 142 21.89 -15.04 18.26
C THR B 142 23.29 -14.47 18.50
N THR B 143 23.57 -13.26 18.02
CA THR B 143 24.91 -12.70 18.14
C THR B 143 24.98 -11.39 18.91
N ALA B 144 23.95 -10.56 18.84
CA ALA B 144 23.98 -9.27 19.52
C ALA B 144 23.99 -9.46 21.03
N ALA B 145 24.82 -8.66 21.71
CA ALA B 145 24.93 -8.72 23.16
C ALA B 145 23.93 -7.79 23.86
N LYS B 146 23.80 -6.56 23.36
CA LYS B 146 22.91 -5.58 23.97
C LYS B 146 21.52 -5.68 23.35
N LEU B 147 20.50 -5.59 24.19
CA LEU B 147 19.10 -5.64 23.77
C LEU B 147 18.39 -4.39 24.26
N MET B 148 17.56 -3.81 23.40
CA MET B 148 16.76 -2.65 23.74
C MET B 148 15.28 -3.01 23.57
N VAL B 149 14.49 -2.76 24.62
CA VAL B 149 13.06 -3.03 24.59
C VAL B 149 12.33 -1.71 24.83
N VAL B 150 11.36 -1.42 23.97
CA VAL B 150 10.56 -0.20 24.08
C VAL B 150 9.19 -0.59 24.63
N ILE B 151 8.81 0.04 25.73
CA ILE B 151 7.61 -0.31 26.49
C ILE B 151 6.65 0.87 26.41
N PRO B 152 5.46 0.70 25.83
CA PRO B 152 4.52 1.82 25.73
C PRO B 152 3.73 2.07 27.01
N ASP B 153 3.40 1.01 27.74
CA ASP B 153 2.51 1.12 28.89
C ASP B 153 2.96 0.14 29.97
N TYR B 154 2.51 0.40 31.20
CA TYR B 154 2.97 -0.39 32.33
C TYR B 154 2.54 -1.85 32.21
N ASN B 155 1.41 -2.11 31.57
CA ASN B 155 0.96 -3.50 31.41
C ASN B 155 1.98 -4.31 30.62
N THR B 156 2.46 -3.77 29.50
CA THR B 156 3.50 -4.45 28.74
C THR B 156 4.78 -4.58 29.54
N TYR B 157 5.10 -3.59 30.38
CA TYR B 157 6.30 -3.69 31.20
C TYR B 157 6.22 -4.86 32.16
N LYS B 158 5.13 -4.96 32.91
CA LYS B 158 5.02 -6.06 33.87
C LYS B 158 4.81 -7.40 33.17
N ASN B 159 4.34 -7.39 31.92
CA ASN B 159 4.23 -8.65 31.18
C ASN B 159 5.57 -9.14 30.66
N THR B 160 6.43 -8.23 30.19
CA THR B 160 7.65 -8.62 29.51
C THR B 160 8.88 -8.65 30.42
N CYS B 161 9.23 -7.51 31.01
CA CYS B 161 10.52 -7.33 31.68
C CYS B 161 10.33 -6.82 33.10
N ASP B 162 9.44 -7.46 33.86
CA ASP B 162 9.15 -7.01 35.21
C ASP B 162 10.37 -7.14 36.11
N GLY B 163 11.04 -8.28 36.10
CA GLY B 163 12.18 -8.50 36.97
C GLY B 163 13.43 -7.82 36.45
N THR B 164 14.46 -7.83 37.30
CA THR B 164 15.75 -7.27 36.89
C THR B 164 16.43 -8.13 35.83
N THR B 165 16.10 -9.41 35.76
CA THR B 165 16.59 -10.29 34.71
C THR B 165 15.39 -10.96 34.06
N PHE B 166 15.28 -10.83 32.74
CA PHE B 166 14.16 -11.44 32.03
C PHE B 166 14.66 -12.32 30.89
N THR B 167 13.73 -12.82 30.07
CA THR B 167 14.08 -13.75 29.00
C THR B 167 13.57 -13.23 27.67
N TYR B 168 14.35 -13.48 26.62
CA TYR B 168 13.96 -13.12 25.27
C TYR B 168 14.85 -13.87 24.30
N ALA B 169 14.26 -14.35 23.20
CA ALA B 169 14.97 -15.11 22.18
C ALA B 169 15.65 -16.34 22.78
N SER B 170 14.98 -16.96 23.75
CA SER B 170 15.51 -18.11 24.49
C SER B 170 16.87 -17.80 25.11
N ALA B 171 17.02 -16.56 25.58
CA ALA B 171 18.24 -16.12 26.24
C ALA B 171 17.88 -15.32 27.47
N LEU B 172 18.80 -15.30 28.44
CA LEU B 172 18.59 -14.62 29.72
C LEU B 172 19.32 -13.29 29.69
N TRP B 173 18.57 -12.19 29.84
CA TRP B 173 19.10 -10.85 29.77
C TRP B 173 18.99 -10.18 31.14
N GLU B 174 19.98 -9.36 31.47
CA GLU B 174 20.00 -8.62 32.72
C GLU B 174 19.96 -7.12 32.42
N ILE B 175 19.08 -6.40 33.09
CA ILE B 175 18.84 -5.00 32.79
C ILE B 175 20.04 -4.17 33.21
N GLN B 176 20.52 -3.32 32.30
CA GLN B 176 21.61 -2.40 32.59
C GLN B 176 21.13 -0.97 32.83
N GLN B 177 20.10 -0.53 32.11
CA GLN B 177 19.61 0.83 32.27
C GLN B 177 18.15 0.91 31.83
N VAL B 178 17.47 1.94 32.32
CA VAL B 178 16.12 2.28 31.87
C VAL B 178 16.08 3.79 31.65
N VAL B 179 15.54 4.21 30.50
CA VAL B 179 15.45 5.62 30.13
C VAL B 179 14.02 5.87 29.68
N ASP B 180 13.59 7.13 29.76
CA ASP B 180 12.26 7.49 29.26
C ASP B 180 12.40 8.25 27.95
N ALA B 181 11.25 8.67 27.40
CA ALA B 181 11.23 9.35 26.11
C ALA B 181 11.91 10.71 26.14
N ASP B 182 12.19 11.25 27.32
CA ASP B 182 12.91 12.51 27.46
C ASP B 182 14.42 12.32 27.56
N SER B 183 14.90 11.09 27.44
CA SER B 183 16.32 10.75 27.55
C SER B 183 16.85 11.08 28.95
N LYS B 184 16.20 10.49 29.95
CA LYS B 184 16.60 10.66 31.35
C LYS B 184 16.57 9.31 32.04
N ILE B 185 17.46 9.13 33.02
CA ILE B 185 17.58 7.85 33.68
C ILE B 185 16.37 7.63 34.59
N VAL B 186 15.84 6.41 34.57
CA VAL B 186 14.72 6.02 35.42
C VAL B 186 15.14 4.76 36.19
N GLN B 187 15.04 4.83 37.52
CA GLN B 187 15.42 3.69 38.34
C GLN B 187 14.32 2.64 38.35
N LEU B 188 14.71 1.42 38.71
CA LEU B 188 13.77 0.30 38.69
C LEU B 188 12.68 0.47 39.75
N SER B 189 13.04 0.98 40.93
CA SER B 189 12.06 1.20 41.98
C SER B 189 11.03 2.25 41.62
N GLU B 190 11.35 3.15 40.70
CA GLU B 190 10.40 4.17 40.28
C GLU B 190 9.27 3.60 39.45
N ILE B 191 9.52 2.51 38.71
CA ILE B 191 8.53 1.95 37.81
C ILE B 191 7.54 1.12 38.61
N SER B 192 6.34 1.65 38.81
CA SER B 192 5.28 0.94 39.53
C SER B 192 3.95 1.52 39.07
N MET B 193 2.87 0.78 39.38
CA MET B 193 1.55 1.20 38.93
C MET B 193 1.16 2.54 39.53
N ASP B 194 1.54 2.79 40.79
CA ASP B 194 1.26 4.08 41.41
C ASP B 194 1.99 5.21 40.69
N ASN B 195 3.26 5.00 40.34
CA ASN B 195 4.07 6.04 39.73
C ASN B 195 4.04 6.02 38.21
N SER B 196 3.32 5.08 37.59
CA SER B 196 3.24 5.04 36.13
C SER B 196 2.69 6.31 35.52
N PRO B 197 1.65 6.97 36.05
CA PRO B 197 1.20 8.22 35.43
C PRO B 197 2.23 9.34 35.48
N ASN B 198 3.23 9.26 36.35
CA ASN B 198 4.23 10.30 36.47
C ASN B 198 5.41 10.12 35.52
N LEU B 199 5.55 8.94 34.90
CA LEU B 199 6.66 8.67 34.01
C LEU B 199 6.32 9.07 32.58
N ALA B 200 7.35 9.43 31.82
CA ALA B 200 7.18 9.87 30.44
C ALA B 200 7.36 8.67 29.52
N TRP B 201 6.27 7.94 29.28
CA TRP B 201 6.31 6.79 28.42
C TRP B 201 6.45 7.22 26.96
N PRO B 202 7.01 6.36 26.09
CA PRO B 202 7.49 4.99 26.32
C PRO B 202 8.84 4.93 27.01
N LEU B 203 9.16 3.77 27.59
CA LEU B 203 10.41 3.54 28.29
C LEU B 203 11.30 2.65 27.45
N ILE B 204 12.55 3.05 27.27
CA ILE B 204 13.55 2.25 26.57
C ILE B 204 14.42 1.61 27.64
N VAL B 205 14.38 0.28 27.72
CA VAL B 205 15.17 -0.47 28.69
C VAL B 205 16.29 -1.19 27.94
N THR B 206 17.52 -1.03 28.43
CA THR B 206 18.72 -1.57 27.81
C THR B 206 19.31 -2.64 28.69
N ALA B 207 19.53 -3.83 28.12
CA ALA B 207 20.03 -4.99 28.85
C ALA B 207 21.22 -5.57 28.11
N LEU B 208 22.02 -6.35 28.84
CA LEU B 208 23.16 -7.06 28.27
C LEU B 208 22.93 -8.57 28.42
N ARG B 209 23.35 -9.33 27.43
CA ARG B 209 23.17 -10.77 27.46
C ARG B 209 24.02 -11.38 28.57
N ALA B 210 23.42 -12.31 29.31
CA ALA B 210 24.09 -12.95 30.42
C ALA B 210 24.63 -14.32 30.02
N SER C 4 -15.24 36.31 12.97
CA SER C 4 -16.14 35.48 13.78
C SER C 4 -15.51 35.12 15.13
N LYS C 5 -15.91 33.97 15.67
CA LYS C 5 -15.38 33.48 16.94
C LYS C 5 -14.75 32.10 16.86
N MET C 6 -14.91 31.39 15.74
CA MET C 6 -14.28 30.07 15.59
C MET C 6 -12.95 30.18 14.86
N SER C 7 -12.94 30.88 13.72
CA SER C 7 -11.72 30.97 12.93
C SER C 7 -10.61 31.67 13.69
N ASP C 8 -10.94 32.77 14.38
CA ASP C 8 -9.90 33.50 15.10
C ASP C 8 -9.35 32.71 16.28
N VAL C 9 -10.21 31.96 16.98
CA VAL C 9 -9.70 31.15 18.09
C VAL C 9 -8.84 30.01 17.56
N LYS C 10 -9.21 29.44 16.41
CA LYS C 10 -8.35 28.42 15.81
C LYS C 10 -6.99 28.99 15.43
N CYS C 11 -6.97 30.19 14.83
CA CYS C 11 -5.71 30.82 14.45
C CYS C 11 -4.86 31.12 15.69
N THR C 12 -5.48 31.60 16.76
CA THR C 12 -4.73 31.89 17.98
C THR C 12 -4.20 30.62 18.63
N SER C 13 -4.96 29.52 18.55
CA SER C 13 -4.45 28.25 19.04
C SER C 13 -3.23 27.82 18.24
N VAL C 14 -3.27 28.00 16.92
CA VAL C 14 -2.12 27.66 16.09
C VAL C 14 -0.90 28.47 16.49
N VAL C 15 -1.08 29.79 16.67
CA VAL C 15 0.08 30.62 17.00
C VAL C 15 0.60 30.29 18.40
N LEU C 16 -0.28 29.94 19.34
CA LEU C 16 0.20 29.62 20.69
C LEU C 16 0.91 28.28 20.71
N LEU C 17 0.45 27.30 19.93
CA LEU C 17 1.22 26.06 19.84
C LEU C 17 2.57 26.30 19.19
N SER C 18 2.62 27.20 18.20
CA SER C 18 3.91 27.50 17.58
C SER C 18 4.86 28.13 18.59
N VAL C 19 4.38 29.10 19.38
CA VAL C 19 5.28 29.74 20.36
C VAL C 19 5.65 28.77 21.47
N LEU C 20 4.75 27.86 21.85
CA LEU C 20 5.10 26.83 22.81
C LEU C 20 6.22 25.95 22.27
N GLN C 21 6.14 25.57 20.99
CA GLN C 21 7.21 24.79 20.38
C GLN C 21 8.52 25.56 20.37
N GLN C 22 8.47 26.87 20.07
CA GLN C 22 9.67 27.68 20.17
C GLN C 22 10.20 27.75 21.60
N LEU C 23 9.34 27.54 22.61
CA LEU C 23 9.77 27.56 24.00
C LEU C 23 10.28 26.21 24.49
N ARG C 24 10.76 25.35 23.59
CA ARG C 24 11.41 24.09 23.94
C ARG C 24 10.48 23.14 24.71
N VAL C 25 9.17 23.26 24.49
CA VAL C 25 8.23 22.36 25.16
C VAL C 25 8.36 20.95 24.59
N GLU C 26 8.70 20.81 23.31
CA GLU C 26 8.71 19.50 22.67
C GLU C 26 9.79 18.58 23.23
N SER C 27 10.71 19.09 24.04
CA SER C 27 11.66 18.23 24.73
C SER C 27 10.94 17.28 25.69
N SER C 28 9.95 17.79 26.42
CA SER C 28 9.16 16.95 27.31
C SER C 28 8.12 16.20 26.50
N SER C 29 8.05 14.89 26.69
CA SER C 29 7.13 14.07 25.92
C SER C 29 5.68 14.32 26.32
N LYS C 30 5.40 14.30 27.63
CA LYS C 30 4.02 14.38 28.09
C LYS C 30 3.42 15.77 27.85
N LEU C 31 4.18 16.82 28.16
CA LEU C 31 3.68 18.18 27.95
C LEU C 31 3.40 18.44 26.48
N TRP C 32 4.32 18.03 25.60
CA TRP C 32 4.10 18.23 24.17
C TRP C 32 2.94 17.39 23.67
N ALA C 33 2.78 16.17 24.18
CA ALA C 33 1.65 15.35 23.76
C ALA C 33 0.33 16.02 24.14
N GLN C 34 0.25 16.56 25.37
CA GLN C 34 -0.97 17.24 25.79
C GLN C 34 -1.22 18.49 24.94
N CYS C 35 -0.18 19.27 24.67
CA CYS C 35 -0.33 20.46 23.85
C CYS C 35 -0.82 20.10 22.45
N VAL C 36 -0.24 19.05 21.87
CA VAL C 36 -0.65 18.63 20.52
C VAL C 36 -2.09 18.16 20.52
N GLN C 37 -2.49 17.38 21.53
CA GLN C 37 -3.88 16.93 21.58
C GLN C 37 -4.84 18.10 21.71
N LEU C 38 -4.51 19.07 22.57
CA LEU C 38 -5.38 20.24 22.72
C LEU C 38 -5.49 21.01 21.42
N HIS C 39 -4.35 21.23 20.75
CA HIS C 39 -4.35 22.02 19.52
C HIS C 39 -5.10 21.31 18.40
N ASN C 40 -4.90 20.00 18.26
CA ASN C 40 -5.57 19.25 17.20
C ASN C 40 -7.06 19.12 17.48
N ASP C 41 -7.47 19.08 18.74
CA ASP C 41 -8.90 19.06 19.04
C ASP C 41 -9.52 20.43 18.87
N ILE C 42 -8.76 21.51 19.12
CA ILE C 42 -9.26 22.85 18.88
C ILE C 42 -9.50 23.06 17.39
N LEU C 43 -8.51 22.72 16.57
CA LEU C 43 -8.63 22.95 15.13
C LEU C 43 -9.75 22.12 14.52
N LEU C 44 -9.91 20.88 14.98
CA LEU C 44 -10.95 20.00 14.46
C LEU C 44 -12.31 20.23 15.11
N ALA C 45 -12.40 21.13 16.07
CA ALA C 45 -13.66 21.37 16.77
C ALA C 45 -14.62 22.19 15.93
N LYS C 46 -15.92 21.92 16.13
CA LYS C 46 -16.98 22.68 15.49
C LYS C 46 -17.81 23.48 16.48
N ASP C 47 -17.66 23.23 17.78
CA ASP C 47 -18.40 23.93 18.82
C ASP C 47 -17.51 24.99 19.45
N THR C 48 -18.04 26.20 19.60
CA THR C 48 -17.23 27.29 20.11
C THR C 48 -16.93 27.14 21.61
N THR C 49 -17.84 26.50 22.35
CA THR C 49 -17.63 26.30 23.78
C THR C 49 -16.42 25.40 24.03
N GLU C 50 -16.35 24.26 23.33
CA GLU C 50 -15.18 23.38 23.46
C GLU C 50 -13.93 24.08 22.98
N ALA C 51 -14.04 24.89 21.93
CA ALA C 51 -12.89 25.63 21.44
C ALA C 51 -12.32 26.55 22.53
N PHE C 52 -13.19 27.30 23.20
CA PHE C 52 -12.70 28.18 24.27
C PHE C 52 -12.19 27.38 25.47
N GLU C 53 -12.82 26.25 25.78
CA GLU C 53 -12.36 25.46 26.92
C GLU C 53 -10.94 24.94 26.68
N LYS C 54 -10.71 24.32 25.53
CA LYS C 54 -9.38 23.80 25.22
C LYS C 54 -8.39 24.93 24.99
N MET C 55 -8.85 26.07 24.48
CA MET C 55 -8.01 27.25 24.36
C MET C 55 -7.51 27.71 25.72
N VAL C 56 -8.41 27.73 26.72
CA VAL C 56 -8.03 28.10 28.07
C VAL C 56 -7.04 27.10 28.65
N SER C 57 -7.29 25.80 28.43
CA SER C 57 -6.37 24.79 28.95
C SER C 57 -4.98 24.92 28.34
N LEU C 58 -4.91 25.15 27.02
CA LEU C 58 -3.63 25.32 26.36
C LEU C 58 -2.92 26.58 26.84
N LEU C 59 -3.67 27.68 27.02
CA LEU C 59 -3.07 28.89 27.55
C LEU C 59 -2.54 28.68 28.96
N SER C 60 -3.26 27.89 29.77
CA SER C 60 -2.76 27.58 31.11
C SER C 60 -1.48 26.77 31.06
N VAL C 61 -1.41 25.81 30.13
CA VAL C 61 -0.16 25.06 29.96
C VAL C 61 0.98 26.00 29.59
N LEU C 62 0.70 26.99 28.74
CA LEU C 62 1.74 27.97 28.40
C LEU C 62 2.14 28.81 29.62
N LEU C 63 1.17 29.20 30.44
CA LEU C 63 1.42 30.12 31.55
C LEU C 63 2.06 29.43 32.76
N SER C 64 2.10 28.10 32.80
CA SER C 64 2.69 27.41 33.94
C SER C 64 4.19 27.70 34.06
N MET C 65 4.81 28.18 32.99
CA MET C 65 6.23 28.47 33.00
C MET C 65 6.50 29.93 32.63
#